data_1PT7
#
_entry.id   1PT7
#
_cell.length_a   60.921
_cell.length_b   118.634
_cell.length_c   136.305
_cell.angle_alpha   90.00
_cell.angle_beta   90.00
_cell.angle_gamma   90.00
#
_symmetry.space_group_name_H-M   'P 21 21 21'
#
loop_
_entity.id
_entity.type
_entity.pdbx_description
1 polymer 'Hypothetical protein yfdW'
2 non-polymer 'PHOSPHATE ION'
3 non-polymer GLYCEROL
4 water water
#
_entity_poly.entity_id   1
_entity_poly.type   'polypeptide(L)'
_entity_poly.pdbx_seq_one_letter_code
;SYYHHHHHHLESTSLYKKAGLMSTPLQGIKVLDFTGVQSGPSCTQMLAWFGADVIKIERPGVGDVTRHQLRDIPDIDALY
FTMLNSNKRSIELNTKTAEGKEVMEKLIREADILVENFHPGAIDHMGFTWEHIQEINPRLIFGSIKGFDECSPYVNVKAY
ENVAQAAGGAASTTGFWDGPPLVSAAALGDSNTGMHLLIGLLAALLHREKTGRGQRVTMSMQDAVLNLCRVKLRDQQRLD
KLGYLEEYPQYPNGTFGDAVPRGGNAGGGGQPGWILKCKGWETDPNAYIYFTIQEQNWENTCKAIGKPEWITDPAYSTAH
ARQPHIFDIFAEIEKYTVTIDKHEAVAYLTQFDIPCAPVLSMKEISLDPSLRQSGSVVEVEQPLRGKYLTVGCPMKFSAF
TPDIKAAPLLGEHTAAVLQELGYSDDEIAAMKQNHAI
;
_entity_poly.pdbx_strand_id   A,B
#
loop_
_chem_comp.id
_chem_comp.type
_chem_comp.name
_chem_comp.formula
GOL non-polymer GLYCEROL 'C3 H8 O3'
PO4 non-polymer 'PHOSPHATE ION' 'O4 P -3'
#
# COMPACT_ATOMS: atom_id res chain seq x y z
N SER A 23 -15.16 -3.61 23.96
CA SER A 23 -14.23 -2.45 23.87
C SER A 23 -13.60 -2.50 22.47
N THR A 24 -13.23 -1.33 21.99
CA THR A 24 -12.58 -1.22 20.70
C THR A 24 -11.32 -0.41 20.86
N PRO A 25 -10.36 -0.55 19.96
CA PRO A 25 -9.11 0.23 20.11
C PRO A 25 -9.28 1.72 20.24
N LEU A 26 -10.23 2.31 19.51
CA LEU A 26 -10.37 3.77 19.47
C LEU A 26 -11.69 4.24 20.10
N GLN A 27 -12.25 3.42 20.99
CA GLN A 27 -13.41 3.81 21.79
C GLN A 27 -13.23 5.20 22.36
N GLY A 28 -14.16 6.09 22.06
CA GLY A 28 -14.09 7.39 22.70
C GLY A 28 -13.33 8.44 21.88
N ILE A 29 -12.64 8.04 20.81
CA ILE A 29 -11.96 9.02 19.98
C ILE A 29 -12.98 9.62 19.00
N LYS A 30 -12.86 10.94 18.81
CA LYS A 30 -13.75 11.71 17.98
C LYS A 30 -12.95 12.30 16.83
N VAL A 31 -13.40 11.97 15.61
CA VAL A 31 -12.77 12.42 14.40
C VAL A 31 -13.62 13.42 13.62
N LEU A 32 -13.00 14.55 13.26
CA LEU A 32 -13.61 15.57 12.41
C LEU A 32 -13.06 15.31 11.03
N ASP A 33 -13.92 14.88 10.13
CA ASP A 33 -13.46 14.36 8.86
C ASP A 33 -13.99 15.14 7.66
N PHE A 34 -13.11 15.93 7.05
CA PHE A 34 -13.40 16.70 5.85
C PHE A 34 -13.10 16.03 4.54
N THR A 35 -12.64 14.79 4.55
CA THR A 35 -12.04 14.20 3.38
C THR A 35 -13.12 13.76 2.44
N GLY A 36 -12.75 13.77 1.18
CA GLY A 36 -13.58 13.18 0.18
C GLY A 36 -12.78 12.28 -0.76
N VAL A 37 -13.50 11.61 -1.62
CA VAL A 37 -12.90 10.73 -2.62
C VAL A 37 -12.37 9.45 -1.95
N GLN A 38 -11.07 9.17 -2.06
CA GLN A 38 -10.54 7.87 -1.64
C GLN A 38 -9.43 7.86 -0.57
N SER A 39 -8.41 8.73 -0.72
CA SER A 39 -7.24 8.73 0.15
C SER A 39 -7.64 9.05 1.61
N GLY A 40 -8.26 10.19 1.82
CA GLY A 40 -8.70 10.51 3.18
C GLY A 40 -9.80 9.56 3.69
N PRO A 41 -10.86 9.35 2.90
CA PRO A 41 -11.98 8.47 3.35
C PRO A 41 -11.58 7.05 3.72
N SER A 42 -10.59 6.47 3.05
CA SER A 42 -10.12 5.11 3.41
C SER A 42 -9.51 5.13 4.80
N CYS A 43 -8.77 6.19 5.09
CA CYS A 43 -8.18 6.37 6.41
C CYS A 43 -9.23 6.47 7.52
N THR A 44 -10.22 7.31 7.31
CA THR A 44 -11.23 7.55 8.32
C THR A 44 -12.24 6.40 8.43
N GLN A 45 -12.50 5.66 7.37
CA GLN A 45 -13.38 4.50 7.47
C GLN A 45 -12.68 3.54 8.44
N MET A 46 -11.36 3.37 8.32
CA MET A 46 -10.65 2.47 9.26
C MET A 46 -10.74 2.97 10.68
N LEU A 47 -10.59 4.26 10.86
CA LEU A 47 -10.74 4.84 12.17
C LEU A 47 -12.12 4.49 12.70
N ALA A 48 -13.16 4.62 11.87
CA ALA A 48 -14.51 4.23 12.32
C ALA A 48 -14.60 2.77 12.70
N TRP A 49 -14.07 1.90 11.86
CA TRP A 49 -14.07 0.47 12.13
C TRP A 49 -13.34 0.11 13.46
N PHE A 50 -12.32 0.93 13.80
CA PHE A 50 -11.55 0.74 15.02
C PHE A 50 -12.26 1.29 16.26
N GLY A 51 -13.42 1.95 16.06
CA GLY A 51 -14.25 2.37 17.15
C GLY A 51 -14.40 3.83 17.30
N ALA A 52 -13.74 4.60 16.45
CA ALA A 52 -13.84 6.04 16.57
C ALA A 52 -15.19 6.55 16.06
N ASP A 53 -15.63 7.69 16.59
CA ASP A 53 -16.81 8.37 16.06
C ASP A 53 -16.30 9.33 14.99
N VAL A 54 -16.60 9.03 13.75
CA VAL A 54 -16.12 9.81 12.61
C VAL A 54 -17.26 10.68 12.09
N ILE A 55 -17.10 11.96 12.27
CA ILE A 55 -18.07 12.92 11.79
C ILE A 55 -17.57 13.47 10.48
N LYS A 56 -18.25 13.04 9.41
CA LYS A 56 -17.88 13.46 8.05
C LYS A 56 -18.63 14.75 7.70
N ILE A 57 -17.84 15.79 7.43
CA ILE A 57 -18.36 17.12 7.18
C ILE A 57 -18.45 17.27 5.69
N GLU A 58 -19.66 17.51 5.21
CA GLU A 58 -19.97 17.59 3.79
C GLU A 58 -20.71 18.87 3.40
N ARG A 59 -20.51 19.25 2.15
CA ARG A 59 -21.10 20.47 1.60
C ARG A 59 -22.62 20.26 1.49
N PRO A 60 -23.43 21.16 2.07
CA PRO A 60 -24.88 21.05 2.00
C PRO A 60 -25.43 20.83 0.60
N GLY A 61 -26.36 19.92 0.45
CA GLY A 61 -26.98 19.65 -0.83
C GLY A 61 -26.03 19.14 -1.93
N VAL A 62 -24.74 18.92 -1.62
CA VAL A 62 -23.74 18.49 -2.65
C VAL A 62 -23.10 17.17 -2.16
N GLY A 63 -22.35 17.25 -1.08
CA GLY A 63 -21.81 16.06 -0.46
C GLY A 63 -20.56 15.62 -1.19
N ASP A 64 -19.88 14.64 -0.63
CA ASP A 64 -18.65 14.07 -1.24
C ASP A 64 -19.00 13.68 -2.63
N VAL A 65 -18.10 13.97 -3.57
CA VAL A 65 -18.39 13.73 -4.99
C VAL A 65 -18.63 12.27 -5.29
N THR A 66 -18.09 11.38 -4.45
CA THR A 66 -18.23 9.95 -4.73
C THR A 66 -19.66 9.48 -4.61
N ARG A 67 -20.49 10.23 -3.92
CA ARG A 67 -21.94 9.90 -3.81
C ARG A 67 -22.59 9.82 -5.17
N HIS A 68 -22.15 10.67 -6.10
CA HIS A 68 -22.82 10.74 -7.39
C HIS A 68 -21.99 10.22 -8.55
N GLN A 69 -20.78 9.76 -8.33
CA GLN A 69 -19.94 9.23 -9.44
C GLN A 69 -19.99 7.77 -9.57
N LEU A 70 -20.07 7.28 -10.81
CA LEU A 70 -20.00 5.86 -11.06
C LEU A 70 -21.17 5.08 -10.44
N ARG A 71 -22.33 5.72 -10.49
CA ARG A 71 -23.55 5.09 -9.94
C ARG A 71 -23.94 3.85 -10.71
N ASP A 72 -24.33 2.79 -10.00
CA ASP A 72 -24.91 1.60 -10.66
C ASP A 72 -26.47 1.56 -10.51
N ILE A 73 -27.01 2.29 -9.54
CA ILE A 73 -28.44 2.41 -9.30
C ILE A 73 -28.76 3.90 -9.36
N PRO A 74 -29.69 4.34 -10.24
CA PRO A 74 -30.03 5.78 -10.32
C PRO A 74 -30.46 6.38 -9.03
N ASP A 75 -30.01 7.62 -8.78
CA ASP A 75 -30.52 8.49 -7.74
C ASP A 75 -30.19 8.12 -6.30
N ILE A 76 -29.27 7.19 -6.08
CA ILE A 76 -28.86 6.87 -4.71
C ILE A 76 -27.31 6.83 -4.67
N ASP A 77 -26.77 6.85 -3.45
CA ASP A 77 -25.33 6.89 -3.29
C ASP A 77 -24.66 5.74 -4.05
N ALA A 78 -23.59 6.08 -4.77
CA ALA A 78 -22.83 5.12 -5.54
C ALA A 78 -22.02 4.27 -4.58
N LEU A 79 -21.64 3.09 -5.03
CA LEU A 79 -20.71 2.21 -4.34
C LEU A 79 -19.37 2.87 -4.07
N TYR A 80 -18.99 3.82 -4.92
CA TYR A 80 -17.77 4.54 -4.73
C TYR A 80 -17.81 5.14 -3.33
N PHE A 81 -18.96 5.71 -3.00
CA PHE A 81 -19.19 6.26 -1.70
C PHE A 81 -19.35 5.21 -0.59
N THR A 82 -20.26 4.26 -0.79
CA THR A 82 -20.64 3.35 0.26
C THR A 82 -19.51 2.43 0.73
N MET A 83 -18.59 2.07 -0.18
CA MET A 83 -17.43 1.23 0.13
C MET A 83 -16.26 1.96 0.86
N LEU A 84 -16.35 3.27 0.95
CA LEU A 84 -15.32 4.07 1.61
C LEU A 84 -15.84 4.90 2.71
N ASN A 85 -17.13 4.78 3.05
CA ASN A 85 -17.69 5.61 4.13
C ASN A 85 -18.60 4.85 5.10
N SER A 86 -18.43 3.55 5.16
CA SER A 86 -19.12 2.72 6.15
C SER A 86 -18.89 3.28 7.52
N ASN A 87 -19.95 3.29 8.34
CA ASN A 87 -19.83 3.58 9.77
C ASN A 87 -19.61 5.06 10.13
N LYS A 88 -19.59 5.95 9.15
CA LYS A 88 -19.38 7.36 9.45
C LYS A 88 -20.71 8.03 9.72
N ARG A 89 -20.68 9.18 10.39
CA ARG A 89 -21.85 10.03 10.54
C ARG A 89 -21.70 11.23 9.61
N SER A 90 -22.75 11.57 8.87
CA SER A 90 -22.65 12.64 7.86
C SER A 90 -23.36 13.85 8.40
N ILE A 91 -22.66 14.97 8.42
CA ILE A 91 -23.32 16.24 8.64
C ILE A 91 -23.11 17.13 7.44
N GLU A 92 -24.18 17.79 7.01
CA GLU A 92 -24.04 18.95 6.10
C GLU A 92 -23.77 20.26 6.83
N LEU A 93 -22.70 20.93 6.44
CA LEU A 93 -22.23 22.16 7.11
C LEU A 93 -21.51 23.02 6.10
N ASN A 94 -21.90 24.27 5.99
CA ASN A 94 -21.29 25.20 5.05
C ASN A 94 -20.38 26.04 5.90
N THR A 95 -19.09 25.72 5.84
CA THR A 95 -18.12 26.35 6.75
C THR A 95 -17.80 27.80 6.35
N LYS A 96 -18.06 28.16 5.08
CA LYS A 96 -17.94 29.57 4.63
C LYS A 96 -18.92 30.53 5.35
N THR A 97 -20.03 30.04 5.90
CA THR A 97 -20.93 30.94 6.67
C THR A 97 -20.45 31.12 8.09
N ALA A 98 -20.92 32.18 8.73
CA ALA A 98 -20.52 32.49 10.10
C ALA A 98 -21.08 31.50 11.10
N GLU A 99 -22.32 31.04 10.91
CA GLU A 99 -22.87 30.02 11.79
C GLU A 99 -22.13 28.66 11.65
N GLY A 100 -21.71 28.36 10.41
CA GLY A 100 -20.97 27.14 10.09
C GLY A 100 -19.60 27.15 10.72
N LYS A 101 -19.00 28.33 10.74
CA LYS A 101 -17.71 28.55 11.35
C LYS A 101 -17.80 28.30 12.85
N GLU A 102 -18.87 28.80 13.44
CA GLU A 102 -19.06 28.65 14.86
C GLU A 102 -19.26 27.17 15.24
N VAL A 103 -19.98 26.42 14.40
CA VAL A 103 -20.15 24.98 14.61
C VAL A 103 -18.78 24.29 14.51
N MET A 104 -18.00 24.69 13.53
CA MET A 104 -16.70 24.07 13.29
C MET A 104 -15.78 24.28 14.49
N GLU A 105 -15.77 25.49 15.02
CA GLU A 105 -14.95 25.75 16.17
C GLU A 105 -15.32 24.79 17.27
N LYS A 106 -16.63 24.60 17.51
CA LYS A 106 -17.09 23.69 18.55
C LYS A 106 -16.72 22.25 18.26
N LEU A 107 -16.81 21.85 16.98
CA LEU A 107 -16.34 20.50 16.57
C LEU A 107 -14.82 20.32 16.82
N ILE A 108 -14.03 21.32 16.48
CA ILE A 108 -12.56 21.27 16.72
C ILE A 108 -12.28 21.10 18.21
N ARG A 109 -13.03 21.84 19.01
CA ARG A 109 -12.83 21.84 20.45
C ARG A 109 -13.05 20.48 21.10
N GLU A 110 -13.99 19.70 20.58
CA GLU A 110 -14.36 18.41 21.16
C GLU A 110 -13.63 17.22 20.50
N ALA A 111 -12.88 17.51 19.43
CA ALA A 111 -12.33 16.50 18.56
C ALA A 111 -10.94 16.01 19.02
N ASP A 112 -10.63 14.73 18.74
CA ASP A 112 -9.28 14.23 18.93
C ASP A 112 -8.44 14.40 17.67
N ILE A 113 -9.09 14.21 16.52
CA ILE A 113 -8.41 14.19 15.22
C ILE A 113 -9.20 14.99 14.21
N LEU A 114 -8.51 15.74 13.37
CA LEU A 114 -9.11 16.36 12.20
C LEU A 114 -8.34 15.85 10.97
N VAL A 115 -9.04 15.33 9.96
CA VAL A 115 -8.43 14.81 8.76
C VAL A 115 -8.96 15.61 7.58
N GLU A 116 -8.03 16.08 6.77
CA GLU A 116 -8.39 16.80 5.57
C GLU A 116 -7.48 16.38 4.39
N ASN A 117 -8.04 16.40 3.17
CA ASN A 117 -7.28 16.18 1.95
C ASN A 117 -7.62 17.21 0.88
N PHE A 118 -7.81 18.46 1.31
CA PHE A 118 -7.97 19.65 0.45
C PHE A 118 -6.64 20.17 -0.05
N HIS A 119 -6.71 21.18 -0.93
CA HIS A 119 -5.53 21.90 -1.39
C HIS A 119 -4.95 22.70 -0.23
N PRO A 120 -3.65 22.98 -0.30
CA PRO A 120 -2.98 23.80 0.72
C PRO A 120 -3.75 25.10 1.03
N GLY A 121 -3.87 25.35 2.28
CA GLY A 121 -4.47 26.59 2.77
C GLY A 121 -5.99 26.60 2.84
N ALA A 122 -6.64 25.47 2.59
CA ALA A 122 -8.10 25.40 2.66
C ALA A 122 -8.61 25.60 4.10
N ILE A 123 -8.08 24.81 5.03
CA ILE A 123 -8.43 24.93 6.45
C ILE A 123 -8.13 26.36 7.00
N ASP A 124 -6.86 26.95 6.77
CA ASP A 124 -6.46 28.32 7.07
C ASP A 124 -7.54 29.30 6.60
N HIS A 125 -8.03 29.15 5.37
CA HIS A 125 -8.96 30.11 4.77
C HIS A 125 -10.41 30.01 5.37
N MET A 126 -10.76 28.86 5.98
CA MET A 126 -11.97 28.72 6.79
C MET A 126 -11.90 29.45 8.16
N GLY A 127 -10.75 30.03 8.49
CA GLY A 127 -10.55 30.74 9.74
C GLY A 127 -9.83 29.91 10.79
N PHE A 128 -9.17 28.83 10.34
CA PHE A 128 -8.51 27.91 11.24
C PHE A 128 -7.12 27.46 10.77
N THR A 129 -6.14 28.34 10.96
CA THR A 129 -4.74 27.98 10.85
C THR A 129 -4.41 26.90 11.91
N TRP A 130 -3.30 26.21 11.71
CA TRP A 130 -2.80 25.23 12.66
C TRP A 130 -2.59 25.89 14.02
N GLU A 131 -2.07 27.12 14.03
CA GLU A 131 -1.84 27.81 15.30
C GLU A 131 -3.16 28.07 16.00
N HIS A 132 -4.17 28.47 15.24
CA HIS A 132 -5.49 28.74 15.81
C HIS A 132 -6.11 27.44 16.32
N ILE A 133 -5.88 26.33 15.62
CA ILE A 133 -6.40 25.03 16.01
C ILE A 133 -5.78 24.59 17.34
N GLN A 134 -4.48 24.78 17.49
CA GLN A 134 -3.79 24.43 18.72
C GLN A 134 -4.32 25.23 19.88
N GLU A 135 -4.69 26.49 19.64
CA GLU A 135 -5.23 27.37 20.71
C GLU A 135 -6.58 26.85 21.18
N ILE A 136 -7.40 26.37 20.24
CA ILE A 136 -8.70 25.85 20.56
C ILE A 136 -8.58 24.49 21.27
N ASN A 137 -7.62 23.69 20.81
CA ASN A 137 -7.54 22.29 21.23
C ASN A 137 -6.09 21.80 21.06
N PRO A 138 -5.26 21.98 22.08
CA PRO A 138 -3.85 21.54 22.00
C PRO A 138 -3.71 20.07 22.01
N ARG A 139 -4.78 19.32 22.25
CA ARG A 139 -4.70 17.89 22.12
C ARG A 139 -4.99 17.39 20.70
N LEU A 140 -5.47 18.26 19.82
CA LEU A 140 -6.04 17.80 18.57
C LEU A 140 -4.87 17.36 17.66
N ILE A 141 -5.05 16.22 17.01
CA ILE A 141 -4.11 15.74 16.00
C ILE A 141 -4.69 16.09 14.62
N PHE A 142 -3.90 16.81 13.83
CA PHE A 142 -4.34 17.32 12.53
C PHE A 142 -3.66 16.47 11.45
N GLY A 143 -4.45 15.73 10.66
CA GLY A 143 -3.90 14.86 9.60
C GLY A 143 -4.18 15.45 8.23
N SER A 144 -3.16 15.61 7.39
CA SER A 144 -3.33 16.23 6.10
C SER A 144 -2.75 15.35 5.00
N ILE A 145 -3.52 15.08 3.96
CA ILE A 145 -3.02 14.37 2.80
C ILE A 145 -2.82 15.39 1.74
N LYS A 146 -1.62 15.39 1.17
CA LYS A 146 -1.30 16.24 0.02
C LYS A 146 -0.73 15.39 -1.13
N GLY A 147 -0.66 15.94 -2.36
CA GLY A 147 -0.04 15.20 -3.40
C GLY A 147 1.47 15.04 -3.28
N PHE A 148 2.15 16.11 -2.86
CA PHE A 148 3.62 16.16 -2.70
C PHE A 148 3.99 16.84 -1.39
N ASP A 149 5.22 16.65 -0.97
CA ASP A 149 5.71 17.21 0.30
C ASP A 149 5.85 18.75 0.17
N GLU A 150 5.93 19.41 1.33
CA GLU A 150 5.92 20.89 1.41
C GLU A 150 6.89 21.56 0.46
N CYS A 151 8.11 21.06 0.40
CA CYS A 151 9.15 21.75 -0.41
C CYS A 151 9.26 21.30 -1.87
N SER A 152 8.35 20.44 -2.33
CA SER A 152 8.47 19.86 -3.67
C SER A 152 8.32 20.89 -4.80
N PRO A 153 9.01 20.74 -5.93
CA PRO A 153 8.67 21.54 -7.12
C PRO A 153 7.24 21.27 -7.62
N TYR A 154 6.60 20.16 -7.23
CA TYR A 154 5.25 19.78 -7.74
C TYR A 154 4.20 20.15 -6.71
N VAL A 155 4.55 21.05 -5.80
CA VAL A 155 3.76 21.32 -4.60
C VAL A 155 2.33 21.78 -4.91
N ASN A 156 2.14 22.40 -6.08
CA ASN A 156 0.81 22.77 -6.56
C ASN A 156 0.28 21.98 -7.79
N VAL A 157 0.78 20.77 -8.01
CA VAL A 157 0.12 19.85 -8.93
C VAL A 157 -1.09 19.36 -8.16
N LYS A 158 -2.17 19.11 -8.86
CA LYS A 158 -3.36 18.53 -8.25
C LYS A 158 -3.18 17.04 -8.55
N ALA A 159 -3.00 16.23 -7.52
CA ALA A 159 -2.66 14.81 -7.74
C ALA A 159 -3.86 13.89 -7.57
N TYR A 160 -4.12 13.16 -8.62
CA TYR A 160 -5.04 12.06 -8.64
C TYR A 160 -4.18 10.82 -8.51
N GLU A 161 -4.83 9.71 -8.30
CA GLU A 161 -4.21 8.39 -8.16
C GLU A 161 -2.99 8.20 -9.05
N ASN A 162 -3.21 8.25 -10.37
CA ASN A 162 -2.16 7.91 -11.30
C ASN A 162 -1.08 8.98 -11.50
N VAL A 163 -1.40 10.21 -11.20
CA VAL A 163 -0.40 11.26 -11.07
C VAL A 163 0.65 10.91 -10.00
N ALA A 164 0.21 10.52 -8.81
CA ALA A 164 1.13 10.06 -7.82
C ALA A 164 1.91 8.84 -8.23
N GLN A 165 1.25 7.86 -8.86
CA GLN A 165 1.96 6.70 -9.33
C GLN A 165 3.14 7.05 -10.29
N ALA A 166 2.92 8.06 -11.12
CA ALA A 166 3.96 8.55 -12.03
C ALA A 166 5.08 9.20 -11.24
N ALA A 167 4.73 10.06 -10.30
CA ALA A 167 5.71 10.78 -9.53
C ALA A 167 6.48 9.92 -8.52
N GLY A 168 5.94 8.76 -8.12
CA GLY A 168 6.50 8.03 -7.00
C GLY A 168 7.37 6.89 -7.40
N GLY A 169 7.55 6.63 -8.69
CA GLY A 169 8.43 5.57 -9.15
C GLY A 169 7.76 4.33 -9.70
N ALA A 170 6.47 4.16 -9.41
CA ALA A 170 5.76 2.93 -9.74
C ALA A 170 5.51 2.80 -11.22
N ALA A 171 5.01 3.83 -11.86
CA ALA A 171 4.73 3.69 -13.29
C ALA A 171 6.02 3.44 -14.01
N SER A 172 7.08 4.07 -13.61
CA SER A 172 8.37 3.94 -14.34
C SER A 172 8.82 2.45 -14.33
N THR A 173 8.52 1.76 -13.23
CA THR A 173 9.07 0.43 -13.00
C THR A 173 8.05 -0.67 -13.19
N THR A 174 6.83 -0.30 -13.54
CA THR A 174 5.76 -1.28 -13.78
C THR A 174 5.43 -1.36 -15.26
N GLY A 175 5.21 -2.58 -15.72
CA GLY A 175 4.93 -2.84 -17.12
C GLY A 175 6.06 -3.62 -17.81
N PHE A 176 6.13 -3.47 -19.12
CA PHE A 176 7.15 -4.17 -19.93
C PHE A 176 8.20 -3.23 -20.42
N TRP A 177 9.40 -3.79 -20.63
CA TRP A 177 10.59 -3.01 -21.06
C TRP A 177 10.34 -2.37 -22.42
N ASP A 178 9.51 -3.05 -23.23
CA ASP A 178 9.15 -2.56 -24.60
C ASP A 178 7.74 -1.94 -24.71
N GLY A 179 7.22 -1.47 -23.55
CA GLY A 179 5.94 -0.80 -23.48
C GLY A 179 6.11 0.49 -22.69
N PRO A 180 5.01 1.20 -22.52
CA PRO A 180 4.99 2.41 -21.70
C PRO A 180 5.08 2.08 -20.21
N PRO A 181 5.41 3.10 -19.43
CA PRO A 181 5.11 3.12 -18.01
C PRO A 181 3.65 2.69 -17.85
N LEU A 182 3.39 1.89 -16.84
CA LEU A 182 2.04 1.40 -16.58
C LEU A 182 1.61 1.69 -15.16
N VAL A 183 0.35 2.08 -15.02
CA VAL A 183 -0.23 2.28 -13.72
C VAL A 183 -0.69 0.96 -13.19
N SER A 184 -0.76 0.90 -11.86
CA SER A 184 -1.29 -0.28 -11.18
C SER A 184 -2.75 -0.10 -10.85
N ALA A 185 -3.51 -1.18 -10.88
CA ALA A 185 -4.91 -1.15 -10.43
C ALA A 185 -5.00 -0.82 -8.99
N ALA A 186 -4.02 -1.29 -8.24
CA ALA A 186 -3.99 -1.11 -6.82
C ALA A 186 -3.88 0.41 -6.57
N ALA A 187 -4.58 0.91 -5.57
CA ALA A 187 -4.65 2.33 -5.33
C ALA A 187 -3.42 2.78 -4.53
N LEU A 188 -2.27 2.83 -5.23
CA LEU A 188 -1.01 3.26 -4.61
C LEU A 188 -1.04 4.70 -4.25
N GLY A 189 -1.73 5.50 -5.00
CA GLY A 189 -1.85 6.93 -4.65
C GLY A 189 -2.92 7.27 -3.64
N ASP A 190 -4.02 6.52 -3.62
CA ASP A 190 -5.20 6.94 -2.87
C ASP A 190 -5.29 6.13 -1.59
N SER A 191 -5.84 4.90 -1.66
CA SER A 191 -6.00 4.14 -0.42
C SER A 191 -4.66 3.90 0.30
N ASN A 192 -3.60 3.61 -0.46
CA ASN A 192 -2.27 3.42 0.12
C ASN A 192 -1.82 4.69 0.91
N THR A 193 -2.06 5.85 0.35
CA THR A 193 -1.84 7.11 1.14
C THR A 193 -2.68 7.21 2.38
N GLY A 194 -3.96 6.85 2.31
CA GLY A 194 -4.78 6.77 3.51
C GLY A 194 -4.23 5.84 4.57
N MET A 195 -3.70 4.68 4.20
CA MET A 195 -3.24 3.70 5.17
C MET A 195 -1.98 4.26 5.80
N HIS A 196 -1.15 4.97 5.02
CA HIS A 196 0.04 5.62 5.61
C HIS A 196 -0.35 6.75 6.53
N LEU A 197 -1.34 7.56 6.16
CA LEU A 197 -1.79 8.60 7.11
C LEU A 197 -2.31 7.96 8.39
N LEU A 198 -3.11 6.92 8.26
CA LEU A 198 -3.59 6.22 9.43
C LEU A 198 -2.47 5.75 10.35
N ILE A 199 -1.37 5.20 9.82
CA ILE A 199 -0.21 4.81 10.67
C ILE A 199 0.22 6.06 11.42
N GLY A 200 0.31 7.17 10.72
CA GLY A 200 0.77 8.41 11.40
C GLY A 200 -0.15 8.91 12.50
N LEU A 201 -1.44 8.85 12.25
CA LEU A 201 -2.44 9.23 13.26
C LEU A 201 -2.40 8.31 14.45
N LEU A 202 -2.29 7.00 14.23
CA LEU A 202 -2.19 6.05 15.34
C LEU A 202 -0.90 6.27 16.16
N ALA A 203 0.23 6.46 15.47
CA ALA A 203 1.46 6.83 16.15
C ALA A 203 1.32 8.17 16.90
N ALA A 204 0.63 9.14 16.32
CA ALA A 204 0.45 10.40 17.03
C ALA A 204 -0.46 10.27 18.28
N LEU A 205 -1.47 9.40 18.23
CA LEU A 205 -2.28 9.11 19.44
C LEU A 205 -1.39 8.50 20.54
N LEU A 206 -0.53 7.58 20.14
CA LEU A 206 0.42 6.96 21.07
C LEU A 206 1.39 7.99 21.64
N HIS A 207 1.87 8.92 20.80
CA HIS A 207 2.81 9.95 21.22
C HIS A 207 2.11 10.91 22.17
N ARG A 208 0.82 11.19 21.89
CA ARG A 208 0.04 12.13 22.70
C ARG A 208 -0.07 11.69 24.16
N GLU A 209 -0.21 10.40 24.38
CA GLU A 209 -0.19 9.84 25.71
C GLU A 209 1.04 10.21 26.54
N LYS A 210 2.17 10.49 25.90
CA LYS A 210 3.37 10.94 26.60
C LYS A 210 3.52 12.44 26.68
N THR A 211 3.27 13.15 25.60
CA THR A 211 3.48 14.61 25.59
C THR A 211 2.26 15.38 26.11
N GLY A 212 1.12 14.73 26.19
CA GLY A 212 -0.16 15.39 26.43
C GLY A 212 -0.66 16.30 25.28
N ARG A 213 0.00 16.28 24.11
CA ARG A 213 -0.27 17.25 23.01
C ARG A 213 -0.56 16.55 21.67
N GLY A 214 -1.33 17.22 20.83
CA GLY A 214 -1.58 16.77 19.47
C GLY A 214 -0.45 17.35 18.65
N GLN A 215 -0.47 17.09 17.36
CA GLN A 215 0.53 17.55 16.43
C GLN A 215 -0.07 17.39 15.03
N ARG A 216 0.68 17.86 14.03
CA ARG A 216 0.26 17.80 12.64
C ARG A 216 1.01 16.59 12.02
N VAL A 217 0.29 15.69 11.35
CA VAL A 217 0.84 14.54 10.62
C VAL A 217 0.47 14.74 9.16
N THR A 218 1.47 14.84 8.27
CA THR A 218 1.20 15.03 6.87
C THR A 218 1.73 13.81 6.12
N MET A 219 1.03 13.49 5.04
CA MET A 219 1.38 12.38 4.24
C MET A 219 1.13 12.75 2.79
N SER A 220 2.13 12.54 1.96
CA SER A 220 1.98 12.83 0.58
C SER A 220 1.80 11.53 -0.19
N MET A 221 1.12 11.68 -1.29
CA MET A 221 0.78 10.59 -2.15
C MET A 221 2.05 10.13 -2.83
N GLN A 222 2.92 11.08 -3.24
CA GLN A 222 4.19 10.70 -3.84
C GLN A 222 5.04 9.84 -2.90
N ASP A 223 5.08 10.17 -1.61
CA ASP A 223 5.90 9.41 -0.69
C ASP A 223 5.26 8.04 -0.41
N ALA A 224 3.95 7.94 -0.57
CA ALA A 224 3.25 6.66 -0.26
C ALA A 224 3.61 5.68 -1.32
N VAL A 225 3.62 6.17 -2.53
CA VAL A 225 3.99 5.33 -3.67
C VAL A 225 5.45 4.89 -3.55
N LEU A 226 6.32 5.84 -3.23
CA LEU A 226 7.73 5.63 -3.11
C LEU A 226 8.01 4.56 -2.04
N ASN A 227 7.37 4.70 -0.86
CA ASN A 227 7.57 3.69 0.16
C ASN A 227 7.31 2.26 -0.33
N LEU A 228 6.24 2.04 -1.09
CA LEU A 228 6.01 0.68 -1.60
C LEU A 228 7.00 0.31 -2.69
N CYS A 229 7.71 1.28 -3.26
CA CYS A 229 8.69 1.01 -4.29
C CYS A 229 10.12 1.01 -3.77
N ARG A 230 10.25 0.87 -2.45
CA ARG A 230 11.53 0.86 -1.79
C ARG A 230 12.54 -0.05 -2.46
N VAL A 231 12.13 -1.28 -2.80
CA VAL A 231 13.06 -2.25 -3.40
C VAL A 231 13.51 -1.87 -4.82
N LYS A 232 12.76 -1.04 -5.54
CA LYS A 232 13.27 -0.46 -6.76
C LYS A 232 14.36 0.61 -6.56
N LEU A 233 14.35 1.31 -5.44
CA LEU A 233 15.49 2.17 -5.04
C LEU A 233 16.71 1.33 -4.62
N ARG A 234 16.50 0.12 -4.05
CA ARG A 234 17.58 -0.92 -3.94
C ARG A 234 18.20 -1.24 -5.29
N ASP A 235 17.31 -1.47 -6.26
CA ASP A 235 17.75 -1.85 -7.59
C ASP A 235 18.45 -0.71 -8.34
N GLN A 236 18.02 0.54 -8.10
CA GLN A 236 18.74 1.66 -8.73
C GLN A 236 20.16 1.73 -8.21
N GLN A 237 20.40 1.56 -6.92
CA GLN A 237 21.74 1.66 -6.40
C GLN A 237 22.62 0.50 -6.92
N ARG A 238 22.04 -0.69 -6.99
CA ARG A 238 22.76 -1.83 -7.55
C ARG A 238 23.20 -1.50 -8.96
N LEU A 239 22.24 -0.95 -9.72
CA LEU A 239 22.47 -0.62 -11.09
C LEU A 239 23.57 0.48 -11.26
N ASP A 240 23.54 1.49 -10.41
CA ASP A 240 24.53 2.56 -10.48
C ASP A 240 25.95 1.94 -10.26
N LYS A 241 26.03 0.96 -9.37
CA LYS A 241 27.29 0.46 -8.88
C LYS A 241 27.86 -0.55 -9.88
N LEU A 242 26.99 -1.37 -10.48
CA LEU A 242 27.39 -2.52 -11.28
C LEU A 242 27.17 -2.37 -12.76
N GLY A 243 26.15 -1.61 -13.15
CA GLY A 243 25.71 -1.44 -14.53
C GLY A 243 24.78 -2.53 -15.07
N TYR A 244 24.45 -3.52 -14.27
CA TYR A 244 23.48 -4.51 -14.64
C TYR A 244 22.76 -5.05 -13.38
N LEU A 245 21.63 -5.70 -13.61
CA LEU A 245 20.84 -6.36 -12.59
C LEU A 245 20.64 -7.84 -12.99
N GLU A 246 21.36 -8.71 -12.30
CA GLU A 246 21.58 -10.09 -12.70
C GLU A 246 20.33 -10.94 -12.87
N GLU A 247 19.26 -10.54 -12.17
CA GLU A 247 18.02 -11.29 -12.13
C GLU A 247 16.93 -10.69 -13.01
N TYR A 248 17.21 -9.54 -13.61
CA TYR A 248 16.23 -8.85 -14.41
C TYR A 248 16.19 -9.49 -15.77
N PRO A 249 15.04 -9.45 -16.46
CA PRO A 249 14.91 -10.08 -17.78
C PRO A 249 15.96 -9.63 -18.79
N GLN A 250 16.45 -8.41 -18.67
CA GLN A 250 17.45 -7.86 -19.53
C GLN A 250 18.87 -8.48 -19.33
N TYR A 251 19.04 -9.34 -18.32
CA TYR A 251 20.35 -9.93 -18.06
C TYR A 251 20.36 -11.36 -18.51
N PRO A 252 21.36 -11.79 -19.29
CA PRO A 252 22.53 -11.03 -19.74
C PRO A 252 22.50 -10.62 -21.21
N ASN A 253 21.43 -10.91 -21.91
CA ASN A 253 21.40 -10.65 -23.33
C ASN A 253 20.76 -9.35 -23.78
N GLY A 254 20.13 -8.61 -22.87
CA GLY A 254 19.53 -7.34 -23.22
C GLY A 254 20.38 -6.19 -22.74
N THR A 255 19.76 -5.04 -22.59
CA THR A 255 20.48 -3.82 -22.29
C THR A 255 19.94 -3.13 -21.05
N PHE A 256 20.86 -2.59 -20.24
CA PHE A 256 20.52 -1.76 -19.09
C PHE A 256 20.88 -0.31 -19.41
N GLY A 257 19.94 0.60 -19.16
CA GLY A 257 20.17 2.03 -19.20
C GLY A 257 20.53 2.55 -17.83
N ASP A 258 20.35 3.84 -17.62
CA ASP A 258 20.83 4.39 -16.38
C ASP A 258 19.79 4.30 -15.22
N ALA A 259 18.54 3.99 -15.59
CA ALA A 259 17.46 3.81 -14.63
C ALA A 259 16.94 2.35 -14.57
N VAL A 260 16.49 1.94 -13.39
CA VAL A 260 15.84 0.65 -13.24
C VAL A 260 14.75 0.48 -14.29
N PRO A 261 14.81 -0.60 -15.06
CA PRO A 261 13.88 -0.76 -16.12
C PRO A 261 12.67 -1.55 -15.70
N ARG A 262 11.65 -1.51 -16.54
CA ARG A 262 10.47 -2.37 -16.38
C ARG A 262 10.90 -3.81 -16.66
N GLY A 263 10.28 -4.74 -15.95
CA GLY A 263 10.65 -6.10 -15.89
C GLY A 263 9.53 -7.07 -16.19
N GLY A 264 8.42 -6.53 -16.68
CA GLY A 264 7.29 -7.37 -17.01
C GLY A 264 6.73 -8.01 -15.77
N ASN A 265 6.61 -9.32 -15.83
CA ASN A 265 6.13 -10.13 -14.73
C ASN A 265 7.19 -10.83 -13.90
N ALA A 266 8.40 -10.29 -13.92
CA ALA A 266 9.46 -10.80 -13.09
C ALA A 266 9.18 -10.67 -11.60
N GLY A 267 9.85 -11.53 -10.87
CA GLY A 267 9.67 -11.71 -9.45
C GLY A 267 9.83 -10.48 -8.56
N GLY A 268 10.82 -9.65 -8.86
CA GLY A 268 10.98 -8.42 -8.08
C GLY A 268 11.89 -8.56 -6.88
N GLY A 269 12.25 -9.78 -6.53
CA GLY A 269 13.03 -10.05 -5.33
C GLY A 269 14.10 -11.11 -5.68
N GLY A 270 14.36 -11.99 -4.75
CA GLY A 270 15.38 -13.02 -4.95
C GLY A 270 14.91 -14.29 -5.64
N GLN A 271 13.63 -14.38 -5.94
CA GLN A 271 13.06 -15.59 -6.53
C GLN A 271 12.33 -15.25 -7.80
N PRO A 272 12.82 -15.73 -8.91
CA PRO A 272 12.22 -15.34 -10.18
C PRO A 272 10.85 -16.03 -10.41
N GLY A 273 10.02 -15.36 -11.18
CA GLY A 273 8.74 -15.90 -11.57
C GLY A 273 8.17 -15.25 -12.81
N TRP A 274 6.97 -15.72 -13.18
CA TRP A 274 6.29 -15.18 -14.32
C TRP A 274 4.79 -15.50 -14.23
N ILE A 275 4.00 -14.79 -15.03
CA ILE A 275 2.57 -15.04 -15.21
C ILE A 275 2.40 -16.00 -16.36
N LEU A 276 1.86 -17.16 -16.05
CA LEU A 276 1.72 -18.22 -17.03
C LEU A 276 0.24 -18.50 -17.42
N LYS A 277 0.03 -18.72 -18.71
CA LYS A 277 -1.27 -19.09 -19.25
C LYS A 277 -1.74 -20.44 -18.76
N CYS A 278 -3.02 -20.51 -18.40
CA CYS A 278 -3.72 -21.74 -18.05
C CYS A 278 -4.85 -21.98 -19.05
N LYS A 279 -5.48 -23.11 -18.92
CA LYS A 279 -6.56 -23.44 -19.88
C LYS A 279 -7.68 -22.40 -19.87
N GLY A 280 -8.04 -21.93 -21.06
CA GLY A 280 -9.08 -20.91 -21.20
C GLY A 280 -8.54 -19.53 -21.50
N TRP A 281 -7.22 -19.35 -21.51
CA TRP A 281 -6.64 -17.98 -21.62
C TRP A 281 -7.04 -17.23 -22.90
N GLU A 282 -7.40 -17.95 -23.96
CA GLU A 282 -7.82 -17.25 -25.22
C GLU A 282 -9.13 -16.46 -25.07
N THR A 283 -10.03 -16.98 -24.26
CA THR A 283 -11.32 -16.32 -24.01
C THR A 283 -11.50 -15.77 -22.57
N ASP A 284 -10.62 -16.15 -21.66
CA ASP A 284 -10.73 -15.70 -20.25
C ASP A 284 -9.45 -14.92 -19.91
N PRO A 285 -9.52 -13.61 -19.74
CA PRO A 285 -8.30 -12.81 -19.53
C PRO A 285 -7.67 -13.04 -18.18
N ASN A 286 -8.31 -13.85 -17.34
CA ASN A 286 -7.77 -14.20 -16.03
C ASN A 286 -7.47 -15.66 -15.83
N ALA A 287 -7.42 -16.42 -16.94
CA ALA A 287 -6.99 -17.84 -16.92
C ALA A 287 -5.46 -17.94 -16.92
N TYR A 288 -4.90 -17.58 -15.75
CA TYR A 288 -3.46 -17.48 -15.57
C TYR A 288 -3.12 -17.81 -14.13
N ILE A 289 -1.86 -18.16 -13.90
CA ILE A 289 -1.27 -18.24 -12.56
C ILE A 289 0.00 -17.40 -12.52
N TYR A 290 0.39 -17.02 -11.33
CA TYR A 290 1.79 -16.64 -11.08
C TYR A 290 2.53 -17.88 -10.61
N PHE A 291 3.72 -18.09 -11.14
CA PHE A 291 4.56 -19.26 -10.84
C PHE A 291 5.98 -18.74 -10.52
N THR A 292 6.51 -19.13 -9.37
CA THR A 292 7.86 -18.86 -8.89
C THR A 292 8.78 -20.08 -9.00
N ILE A 293 9.94 -19.88 -9.62
CA ILE A 293 11.02 -20.86 -9.53
C ILE A 293 11.87 -20.54 -8.33
N GLN A 294 11.58 -21.20 -7.25
CA GLN A 294 12.25 -20.96 -6.02
C GLN A 294 13.58 -21.71 -6.02
N GLU A 295 14.67 -21.02 -5.60
CA GLU A 295 16.02 -21.49 -5.74
C GLU A 295 16.27 -22.85 -5.14
N GLN A 296 15.73 -23.07 -3.96
CA GLN A 296 15.89 -24.31 -3.20
C GLN A 296 14.91 -25.43 -3.62
N ASN A 297 14.08 -25.16 -4.59
CA ASN A 297 12.99 -26.06 -4.99
C ASN A 297 13.11 -26.53 -6.44
N TRP A 298 14.31 -26.50 -7.00
CA TRP A 298 14.45 -26.78 -8.43
C TRP A 298 14.12 -28.27 -8.75
N GLU A 299 14.57 -29.17 -7.91
CA GLU A 299 14.35 -30.59 -8.13
C GLU A 299 12.85 -30.86 -8.13
N ASN A 300 12.14 -30.37 -7.13
CA ASN A 300 10.68 -30.47 -7.11
C ASN A 300 10.02 -29.88 -8.31
N THR A 301 10.49 -28.74 -8.74
CA THR A 301 9.93 -28.09 -9.91
C THR A 301 10.07 -29.00 -11.16
N CYS A 302 11.22 -29.64 -11.31
CA CYS A 302 11.50 -30.58 -12.42
C CYS A 302 10.59 -31.80 -12.34
N LYS A 303 10.36 -32.26 -11.13
CA LYS A 303 9.50 -33.44 -10.95
C LYS A 303 8.07 -33.06 -11.33
N ALA A 304 7.62 -31.89 -10.90
CA ALA A 304 6.26 -31.41 -11.25
C ALA A 304 6.02 -31.41 -12.74
N ILE A 305 7.00 -30.97 -13.52
CA ILE A 305 6.83 -30.81 -14.97
C ILE A 305 7.40 -31.98 -15.77
N GLY A 306 7.92 -32.97 -15.07
CA GLY A 306 8.40 -34.19 -15.71
C GLY A 306 9.68 -33.99 -16.52
N LYS A 307 10.62 -33.22 -15.97
CA LYS A 307 11.90 -32.94 -16.61
C LYS A 307 13.04 -33.41 -15.73
N PRO A 308 13.14 -34.71 -15.43
CA PRO A 308 14.17 -35.21 -14.50
C PRO A 308 15.60 -34.95 -14.96
N GLU A 309 15.79 -34.86 -16.26
CA GLU A 309 17.07 -34.54 -16.87
C GLU A 309 17.58 -33.15 -16.44
N TRP A 310 16.66 -32.24 -16.10
CA TRP A 310 17.04 -30.88 -15.75
C TRP A 310 17.51 -30.75 -14.32
N ILE A 311 17.32 -31.78 -13.51
CA ILE A 311 17.60 -31.62 -12.10
C ILE A 311 19.09 -31.33 -11.85
N THR A 312 19.98 -32.11 -12.49
CA THR A 312 21.42 -31.94 -12.34
C THR A 312 22.19 -31.40 -13.55
N ASP A 313 21.52 -31.16 -14.66
CA ASP A 313 22.16 -30.56 -15.80
C ASP A 313 22.68 -29.19 -15.33
N PRO A 314 23.98 -28.91 -15.42
CA PRO A 314 24.49 -27.58 -14.99
C PRO A 314 23.90 -26.37 -15.70
N ALA A 315 23.31 -26.55 -16.87
CA ALA A 315 22.63 -25.47 -17.58
C ALA A 315 21.32 -25.03 -16.88
N TYR A 316 20.85 -25.88 -15.94
CA TYR A 316 19.56 -25.72 -15.31
C TYR A 316 19.58 -25.78 -13.81
N SER A 317 20.66 -26.28 -13.19
CA SER A 317 20.62 -26.65 -11.77
C SER A 317 20.73 -25.48 -10.79
N THR A 318 21.19 -24.31 -11.28
CA THR A 318 21.25 -23.09 -10.44
C THR A 318 20.49 -21.96 -11.08
N ALA A 319 20.11 -20.98 -10.26
CA ALA A 319 19.50 -19.78 -10.79
C ALA A 319 20.44 -19.07 -11.76
N HIS A 320 21.72 -19.04 -11.44
CA HIS A 320 22.69 -18.45 -12.34
C HIS A 320 22.56 -19.06 -13.73
N ALA A 321 22.53 -20.39 -13.84
CA ALA A 321 22.54 -21.04 -15.15
C ALA A 321 21.18 -20.89 -15.79
N ARG A 322 20.12 -20.83 -14.97
CA ARG A 322 18.76 -20.70 -15.55
C ARG A 322 18.50 -19.36 -16.16
N GLN A 323 19.07 -18.30 -15.59
CA GLN A 323 18.70 -16.94 -15.93
C GLN A 323 18.78 -16.61 -17.45
N PRO A 324 19.86 -16.93 -18.15
CA PRO A 324 19.97 -16.57 -19.58
C PRO A 324 18.99 -17.28 -20.50
N HIS A 325 18.35 -18.36 -20.06
CA HIS A 325 17.29 -19.02 -20.85
C HIS A 325 16.04 -19.26 -20.02
N ILE A 326 15.74 -18.33 -19.13
CA ILE A 326 14.63 -18.50 -18.17
C ILE A 326 13.31 -18.46 -18.88
N PHE A 327 13.20 -17.79 -20.05
CA PHE A 327 11.89 -17.73 -20.72
C PHE A 327 11.61 -19.04 -21.50
N ASP A 328 12.68 -19.75 -21.90
CA ASP A 328 12.52 -21.10 -22.39
C ASP A 328 11.95 -22.01 -21.33
N ILE A 329 12.43 -21.85 -20.10
CA ILE A 329 11.96 -22.67 -18.97
C ILE A 329 10.51 -22.35 -18.62
N PHE A 330 10.16 -21.05 -18.58
CA PHE A 330 8.76 -20.66 -18.41
C PHE A 330 7.86 -21.18 -19.52
N ALA A 331 8.37 -21.18 -20.75
CA ALA A 331 7.61 -21.70 -21.87
C ALA A 331 7.36 -23.19 -21.70
N GLU A 332 8.36 -23.88 -21.26
CA GLU A 332 8.24 -25.33 -20.97
C GLU A 332 7.24 -25.63 -19.87
N ILE A 333 7.25 -24.84 -18.80
CA ILE A 333 6.24 -24.99 -17.75
C ILE A 333 4.82 -24.67 -18.27
N GLU A 334 4.73 -23.65 -19.11
CA GLU A 334 3.45 -23.26 -19.71
C GLU A 334 2.88 -24.37 -20.55
N LYS A 335 3.70 -25.30 -21.08
CA LYS A 335 3.12 -26.45 -21.81
C LYS A 335 2.24 -27.29 -20.95
N TYR A 336 2.59 -27.39 -19.66
CA TYR A 336 1.76 -28.03 -18.65
C TYR A 336 0.59 -27.15 -18.28
N THR A 337 0.85 -25.88 -17.89
CA THR A 337 -0.23 -25.08 -17.31
C THR A 337 -1.34 -24.80 -18.28
N VAL A 338 -1.07 -24.69 -19.58
CA VAL A 338 -2.15 -24.43 -20.52
C VAL A 338 -3.22 -25.56 -20.62
N THR A 339 -2.88 -26.77 -20.16
CA THR A 339 -3.77 -27.90 -20.32
C THR A 339 -4.80 -28.04 -19.24
N ILE A 340 -4.70 -27.22 -18.18
CA ILE A 340 -5.62 -27.35 -17.01
C ILE A 340 -6.06 -25.98 -16.50
N ASP A 341 -7.19 -25.96 -15.80
CA ASP A 341 -7.74 -24.72 -15.22
C ASP A 341 -6.75 -24.24 -14.14
N LYS A 342 -6.63 -22.93 -13.97
CA LYS A 342 -5.70 -22.32 -13.01
C LYS A 342 -5.83 -22.85 -11.62
N HIS A 343 -7.06 -23.13 -11.16
CA HIS A 343 -7.24 -23.66 -9.80
C HIS A 343 -6.62 -25.06 -9.67
N GLU A 344 -6.78 -25.88 -10.72
CA GLU A 344 -6.26 -27.26 -10.66
C GLU A 344 -4.72 -27.24 -10.78
N ALA A 345 -4.20 -26.33 -11.63
CA ALA A 345 -2.78 -26.13 -11.77
C ALA A 345 -2.16 -25.81 -10.41
N VAL A 346 -2.80 -24.90 -9.68
CA VAL A 346 -2.24 -24.51 -8.36
C VAL A 346 -2.34 -25.64 -7.35
N ALA A 347 -3.46 -26.33 -7.32
CA ALA A 347 -3.62 -27.47 -6.38
C ALA A 347 -2.52 -28.54 -6.63
N TYR A 348 -2.13 -28.77 -7.88
CA TYR A 348 -1.09 -29.74 -8.22
C TYR A 348 0.30 -29.15 -7.88
N LEU A 349 0.62 -28.01 -8.48
CA LEU A 349 1.93 -27.43 -8.32
C LEU A 349 2.33 -27.17 -6.84
N THR A 350 1.38 -26.72 -6.01
CA THR A 350 1.66 -26.43 -4.62
C THR A 350 2.11 -27.70 -3.86
N GLN A 351 1.70 -28.89 -4.32
CA GLN A 351 2.17 -30.12 -3.63
C GLN A 351 3.70 -30.28 -3.75
N PHE A 352 4.29 -29.69 -4.80
CA PHE A 352 5.72 -29.75 -5.06
C PHE A 352 6.44 -28.52 -4.43
N ASP A 353 5.76 -27.88 -3.49
CA ASP A 353 6.24 -26.67 -2.82
C ASP A 353 6.46 -25.51 -3.76
N ILE A 354 5.86 -25.51 -4.95
CA ILE A 354 6.13 -24.45 -5.91
C ILE A 354 5.28 -23.30 -5.45
N PRO A 355 5.84 -22.10 -5.27
CA PRO A 355 4.98 -20.96 -4.92
C PRO A 355 4.17 -20.53 -6.09
N CYS A 356 2.85 -20.58 -5.99
CA CYS A 356 2.00 -20.15 -7.09
C CYS A 356 0.61 -19.80 -6.56
N ALA A 357 -0.16 -19.06 -7.34
CA ALA A 357 -1.56 -18.82 -7.08
C ALA A 357 -2.26 -18.46 -8.38
N PRO A 358 -3.57 -18.59 -8.42
CA PRO A 358 -4.27 -18.11 -9.60
C PRO A 358 -4.35 -16.61 -9.62
N VAL A 359 -4.36 -16.04 -10.83
CA VAL A 359 -4.81 -14.71 -11.05
C VAL A 359 -6.33 -14.72 -10.83
N LEU A 360 -6.74 -14.38 -9.62
CA LEU A 360 -8.13 -14.34 -9.32
C LEU A 360 -8.72 -13.01 -9.86
N SER A 361 -9.83 -13.13 -10.57
CA SER A 361 -10.58 -11.98 -11.05
C SER A 361 -11.41 -11.34 -9.97
N MET A 362 -11.86 -10.11 -10.18
CA MET A 362 -12.72 -9.46 -9.17
C MET A 362 -14.04 -10.21 -9.03
N LYS A 363 -14.46 -10.90 -10.08
CA LYS A 363 -15.70 -11.71 -9.98
C LYS A 363 -15.46 -12.89 -8.99
N GLU A 364 -14.35 -13.59 -9.17
CA GLU A 364 -14.03 -14.71 -8.28
C GLU A 364 -13.90 -14.23 -6.87
N ILE A 365 -13.25 -13.08 -6.70
CA ILE A 365 -13.03 -12.55 -5.36
C ILE A 365 -14.39 -12.18 -4.74
N SER A 366 -15.27 -11.56 -5.54
CA SER A 366 -16.55 -11.08 -5.03
C SER A 366 -17.41 -12.19 -4.48
N LEU A 367 -17.20 -13.39 -4.99
CA LEU A 367 -18.04 -14.57 -4.65
C LEU A 367 -17.32 -15.65 -3.85
N ASP A 368 -16.05 -15.47 -3.57
CA ASP A 368 -15.21 -16.46 -2.93
C ASP A 368 -15.72 -16.69 -1.50
N PRO A 369 -16.23 -17.91 -1.20
CA PRO A 369 -16.80 -18.16 0.14
C PRO A 369 -15.77 -18.05 1.24
N SER A 370 -14.52 -18.42 0.97
CA SER A 370 -13.45 -18.23 1.96
C SER A 370 -13.20 -16.77 2.38
N LEU A 371 -13.28 -15.85 1.42
CA LEU A 371 -13.09 -14.44 1.74
C LEU A 371 -14.28 -13.84 2.47
N ARG A 372 -15.48 -14.41 2.32
CA ARG A 372 -16.60 -14.06 3.16
C ARG A 372 -16.33 -14.57 4.60
N GLN A 373 -15.94 -15.82 4.72
CA GLN A 373 -15.71 -16.41 6.06
C GLN A 373 -14.62 -15.64 6.83
N SER A 374 -13.57 -15.20 6.13
CA SER A 374 -12.47 -14.50 6.77
C SER A 374 -12.74 -13.02 7.01
N GLY A 375 -13.90 -12.53 6.55
CA GLY A 375 -14.26 -11.16 6.71
C GLY A 375 -13.49 -10.23 5.76
N SER A 376 -12.88 -10.78 4.72
CA SER A 376 -12.12 -9.97 3.74
C SER A 376 -13.07 -9.26 2.78
N VAL A 377 -14.15 -9.95 2.40
CA VAL A 377 -15.22 -9.37 1.62
C VAL A 377 -16.46 -9.48 2.51
N VAL A 378 -17.16 -8.36 2.68
CA VAL A 378 -18.21 -8.26 3.67
C VAL A 378 -19.49 -7.74 3.00
N GLU A 379 -20.59 -8.50 3.18
CA GLU A 379 -21.90 -8.03 2.72
C GLU A 379 -22.50 -7.07 3.73
N VAL A 380 -22.95 -5.94 3.27
CA VAL A 380 -23.44 -4.88 4.18
C VAL A 380 -24.82 -4.39 3.68
N GLU A 381 -25.74 -4.13 4.63
CA GLU A 381 -27.07 -3.64 4.31
C GLU A 381 -27.09 -2.13 4.26
N GLN A 382 -27.55 -1.57 3.13
CA GLN A 382 -27.52 -0.12 2.93
C GLN A 382 -28.92 0.35 2.68
N PRO A 383 -29.36 1.41 3.31
CA PRO A 383 -30.69 1.98 3.00
C PRO A 383 -30.86 2.28 1.51
N LEU A 384 -32.03 1.89 0.98
CA LEU A 384 -32.51 2.23 -0.34
C LEU A 384 -31.88 1.33 -1.37
N ARG A 385 -30.72 0.75 -1.05
CA ARG A 385 -29.93 -0.08 -1.97
C ARG A 385 -30.18 -1.54 -1.68
N GLY A 386 -30.18 -1.93 -0.40
CA GLY A 386 -30.12 -3.32 -0.04
C GLY A 386 -28.65 -3.69 0.16
N LYS A 387 -28.26 -4.90 -0.22
CA LYS A 387 -26.97 -5.44 0.11
C LYS A 387 -25.93 -4.85 -0.84
N TYR A 388 -24.75 -4.56 -0.31
CA TYR A 388 -23.59 -4.41 -1.16
C TYR A 388 -22.40 -5.11 -0.55
N LEU A 389 -21.41 -5.32 -1.38
CA LEU A 389 -20.14 -5.90 -0.97
C LEU A 389 -19.08 -4.80 -0.77
N THR A 390 -18.36 -4.92 0.34
CA THR A 390 -17.17 -4.18 0.53
C THR A 390 -15.95 -5.01 0.94
N VAL A 391 -14.78 -4.40 0.81
CA VAL A 391 -13.58 -4.95 1.36
C VAL A 391 -13.65 -4.62 2.87
N GLY A 392 -13.49 -5.66 3.68
CA GLY A 392 -13.58 -5.50 5.11
C GLY A 392 -12.31 -5.03 5.75
N CYS A 393 -12.28 -5.14 7.06
CA CYS A 393 -11.13 -4.70 7.86
C CYS A 393 -9.97 -5.65 7.62
N PRO A 394 -8.88 -5.21 6.98
CA PRO A 394 -7.93 -6.17 6.43
C PRO A 394 -7.22 -7.03 7.51
N MET A 395 -6.83 -6.44 8.62
CA MET A 395 -6.13 -7.17 9.66
C MET A 395 -7.11 -7.71 10.69
N LYS A 396 -6.82 -8.89 11.24
CA LYS A 396 -7.70 -9.54 12.19
C LYS A 396 -7.11 -9.40 13.59
N PHE A 397 -7.98 -9.15 14.58
CA PHE A 397 -7.56 -8.96 15.95
C PHE A 397 -8.22 -10.05 16.83
N SER A 398 -7.47 -10.69 17.72
CA SER A 398 -8.09 -11.79 18.47
C SER A 398 -9.03 -11.21 19.58
N ALA A 399 -8.87 -9.95 19.92
CA ALA A 399 -9.64 -9.34 21.02
C ALA A 399 -10.72 -8.33 20.58
N PHE A 400 -10.95 -8.24 19.29
CA PHE A 400 -11.80 -7.19 18.77
C PHE A 400 -12.30 -7.59 17.40
N THR A 401 -13.61 -7.46 17.19
CA THR A 401 -14.25 -7.82 15.95
C THR A 401 -14.96 -6.56 15.39
N PRO A 402 -14.49 -5.98 14.32
CA PRO A 402 -15.22 -4.83 13.75
C PRO A 402 -16.63 -5.19 13.29
N ASP A 403 -17.49 -4.20 13.31
CA ASP A 403 -18.86 -4.36 12.88
C ASP A 403 -19.04 -3.36 11.75
N ILE A 404 -19.04 -3.85 10.52
CA ILE A 404 -19.07 -2.96 9.32
C ILE A 404 -20.54 -2.69 9.00
N LYS A 405 -20.85 -1.41 8.93
CA LYS A 405 -22.20 -0.92 8.81
C LYS A 405 -22.37 -0.10 7.56
N ALA A 406 -23.61 0.35 7.35
CA ALA A 406 -23.91 1.18 6.19
C ALA A 406 -23.13 2.48 6.16
N ALA A 407 -23.06 3.08 4.97
CA ALA A 407 -22.58 4.44 4.82
C ALA A 407 -23.74 5.41 5.02
N PRO A 408 -23.44 6.58 5.57
CA PRO A 408 -24.49 7.54 5.87
C PRO A 408 -25.07 8.21 4.66
N LEU A 409 -26.38 8.42 4.73
CA LEU A 409 -26.99 9.28 3.72
C LEU A 409 -26.59 10.71 4.01
N LEU A 410 -26.63 11.55 2.99
CA LEU A 410 -26.11 12.87 3.09
C LEU A 410 -26.91 13.63 4.12
N GLY A 411 -26.21 14.17 5.11
CA GLY A 411 -26.82 14.89 6.22
C GLY A 411 -27.64 14.09 7.22
N GLU A 412 -27.50 12.78 7.20
CA GLU A 412 -28.30 11.85 8.05
C GLU A 412 -28.16 12.14 9.52
N HIS A 413 -26.98 12.58 9.94
CA HIS A 413 -26.62 12.81 11.34
C HIS A 413 -26.40 14.26 11.70
N THR A 414 -26.71 15.19 10.81
CA THR A 414 -26.58 16.63 11.13
C THR A 414 -27.26 17.05 12.45
N ALA A 415 -28.54 16.70 12.60
CA ALA A 415 -29.29 17.12 13.80
C ALA A 415 -28.62 16.56 15.05
N ALA A 416 -28.36 15.24 15.06
CA ALA A 416 -27.74 14.56 16.20
C ALA A 416 -26.42 15.22 16.56
N VAL A 417 -25.57 15.52 15.56
CA VAL A 417 -24.28 16.17 15.87
C VAL A 417 -24.44 17.55 16.47
N LEU A 418 -25.37 18.32 15.93
CA LEU A 418 -25.59 19.66 16.45
C LEU A 418 -26.21 19.64 17.84
N GLN A 419 -27.11 18.70 18.07
CA GLN A 419 -27.72 18.47 19.40
C GLN A 419 -26.62 18.18 20.41
N GLU A 420 -25.65 17.36 20.01
CA GLU A 420 -24.50 17.02 20.89
C GLU A 420 -23.65 18.22 21.18
N LEU A 421 -23.59 19.19 20.27
CA LEU A 421 -22.90 20.47 20.55
C LEU A 421 -23.74 21.46 21.36
N GLY A 422 -24.96 21.10 21.68
CA GLY A 422 -25.83 21.91 22.54
C GLY A 422 -26.78 22.85 21.80
N TYR A 423 -26.92 22.68 20.49
CA TYR A 423 -27.93 23.48 19.75
C TYR A 423 -29.32 22.96 20.00
N SER A 424 -30.29 23.88 20.11
CA SER A 424 -31.70 23.47 20.23
C SER A 424 -32.26 23.02 18.89
N ASP A 425 -33.36 22.28 18.94
CA ASP A 425 -34.03 21.87 17.73
C ASP A 425 -34.46 23.08 16.88
N ASP A 426 -34.76 24.19 17.51
CA ASP A 426 -35.18 25.39 16.73
C ASP A 426 -33.99 26.05 16.07
N GLU A 427 -32.88 26.08 16.77
CA GLU A 427 -31.63 26.64 16.21
C GLU A 427 -31.18 25.83 15.01
N ILE A 428 -31.36 24.53 15.12
CA ILE A 428 -30.97 23.60 14.04
C ILE A 428 -31.87 23.87 12.83
N ALA A 429 -33.17 24.00 13.06
CA ALA A 429 -34.11 24.28 11.95
C ALA A 429 -33.80 25.62 11.28
N ALA A 430 -33.40 26.61 12.06
CA ALA A 430 -33.10 27.93 11.48
C ALA A 430 -31.85 27.81 10.65
N MET A 431 -30.91 26.97 11.11
CA MET A 431 -29.66 26.85 10.36
C MET A 431 -29.94 26.13 9.03
N LYS A 432 -30.85 25.16 9.03
CA LYS A 432 -31.30 24.50 7.77
C LYS A 432 -31.93 25.51 6.81
N GLN A 433 -32.85 26.31 7.31
CA GLN A 433 -33.53 27.32 6.46
C GLN A 433 -32.60 28.38 5.89
N ASN A 434 -31.60 28.84 6.66
CA ASN A 434 -30.65 29.82 6.09
C ASN A 434 -29.37 29.21 5.44
N HIS A 435 -29.37 27.91 5.26
CA HIS A 435 -28.34 27.19 4.49
C HIS A 435 -26.94 27.10 5.14
N ALA A 436 -26.83 27.38 6.44
CA ALA A 436 -25.63 27.00 7.20
C ALA A 436 -25.47 25.50 7.26
N ILE A 437 -26.58 24.77 7.18
CA ILE A 437 -26.54 23.30 7.08
C ILE A 437 -27.47 22.85 5.98
N SER B 23 11.23 12.96 23.07
CA SER B 23 10.19 11.88 23.14
C SER B 23 9.83 11.35 21.76
N THR B 24 9.52 10.05 21.72
CA THR B 24 9.15 9.39 20.51
C THR B 24 7.87 8.65 20.71
N PRO B 25 7.14 8.45 19.64
CA PRO B 25 5.86 7.80 19.77
C PRO B 25 5.90 6.48 20.48
N LEU B 26 6.93 5.67 20.30
CA LEU B 26 6.98 4.33 20.84
C LEU B 26 8.14 4.13 21.85
N GLN B 27 8.56 5.24 22.48
CA GLN B 27 9.60 5.23 23.49
C GLN B 27 9.23 4.18 24.50
N GLY B 28 10.17 3.28 24.83
CA GLY B 28 9.95 2.26 25.86
C GLY B 28 9.33 0.96 25.35
N ILE B 29 8.86 0.95 24.12
CA ILE B 29 8.32 -0.27 23.56
C ILE B 29 9.48 -1.19 23.10
N LYS B 30 9.33 -2.48 23.33
CA LYS B 30 10.32 -3.50 23.02
C LYS B 30 9.67 -4.52 22.09
N VAL B 31 10.33 -4.73 20.97
CA VAL B 31 9.86 -5.59 19.93
C VAL B 31 10.78 -6.80 19.72
N LEU B 32 10.19 -7.97 19.71
CA LEU B 32 10.90 -9.18 19.48
C LEU B 32 10.59 -9.52 18.06
N ASP B 33 11.61 -9.46 17.20
CA ASP B 33 11.38 -9.46 15.78
C ASP B 33 12.04 -10.62 15.13
N PHE B 34 11.23 -11.59 14.69
CA PHE B 34 11.72 -12.76 13.97
C PHE B 34 11.71 -12.63 12.47
N THR B 35 11.26 -11.51 11.90
CA THR B 35 10.93 -11.40 10.47
C THR B 35 12.15 -11.35 9.60
N GLY B 36 11.95 -11.79 8.36
CA GLY B 36 12.98 -11.69 7.35
C GLY B 36 12.34 -11.20 6.09
N VAL B 37 13.18 -10.98 5.10
CA VAL B 37 12.76 -10.53 3.80
C VAL B 37 12.15 -9.15 3.89
N GLN B 38 10.92 -8.96 3.43
CA GLN B 38 10.42 -7.57 3.23
C GLN B 38 9.17 -7.22 4.07
N SER B 39 8.16 -8.10 4.06
CA SER B 39 6.89 -7.77 4.63
C SER B 39 7.02 -7.49 6.14
N GLY B 40 7.55 -8.42 6.87
CA GLY B 40 7.75 -8.22 8.30
C GLY B 40 8.79 -7.13 8.60
N PRO B 41 9.98 -7.16 7.98
CA PRO B 41 11.05 -6.16 8.27
C PRO B 41 10.63 -4.77 7.98
N SER B 42 9.81 -4.52 6.94
CA SER B 42 9.31 -3.17 6.66
C SER B 42 8.53 -2.64 7.85
N CYS B 43 7.67 -3.50 8.38
CA CYS B 43 6.84 -3.18 9.56
C CYS B 43 7.72 -2.85 10.78
N THR B 44 8.67 -3.70 11.07
CA THR B 44 9.49 -3.47 12.26
C THR B 44 10.50 -2.36 12.13
N GLN B 45 10.98 -2.09 10.92
CA GLN B 45 11.82 -0.91 10.64
C GLN B 45 11.03 0.37 11.04
N MET B 46 9.76 0.44 10.68
CA MET B 46 8.93 1.58 11.03
C MET B 46 8.76 1.67 12.52
N LEU B 47 8.59 0.52 13.17
CA LEU B 47 8.51 0.51 14.64
C LEU B 47 9.77 1.10 15.26
N ALA B 48 10.93 0.75 14.73
CA ALA B 48 12.19 1.27 15.23
C ALA B 48 12.26 2.78 15.01
N TRP B 49 11.88 3.23 13.83
CA TRP B 49 11.91 4.64 13.50
C TRP B 49 10.97 5.47 14.41
N PHE B 50 9.90 4.86 14.91
CA PHE B 50 8.97 5.50 15.85
C PHE B 50 9.48 5.44 17.28
N GLY B 51 10.65 4.81 17.52
CA GLY B 51 11.32 4.87 18.81
C GLY B 51 11.38 3.56 19.56
N ALA B 52 10.82 2.51 18.97
CA ALA B 52 10.81 1.21 19.62
C ALA B 52 12.21 0.58 19.55
N ASP B 53 12.51 -0.24 20.55
CA ASP B 53 13.71 -1.06 20.53
C ASP B 53 13.38 -2.35 19.84
N VAL B 54 13.86 -2.50 18.61
CA VAL B 54 13.61 -3.68 17.84
C VAL B 54 14.79 -4.66 17.85
N ILE B 55 14.57 -5.77 18.53
CA ILE B 55 15.50 -6.83 18.64
C ILE B 55 15.20 -7.86 17.61
N LYS B 56 16.05 -7.86 16.58
CA LYS B 56 15.94 -8.77 15.49
C LYS B 56 16.67 -10.08 15.73
N ILE B 57 15.91 -11.19 15.63
CA ILE B 57 16.40 -12.50 15.98
C ILE B 57 16.76 -13.21 14.70
N GLU B 58 18.03 -13.59 14.62
CA GLU B 58 18.56 -14.14 13.40
C GLU B 58 19.28 -15.44 13.71
N ARG B 59 19.29 -16.33 12.72
CA ARG B 59 19.86 -17.67 12.86
C ARG B 59 21.38 -17.50 12.87
N PRO B 60 22.02 -18.06 13.88
CA PRO B 60 23.48 -17.92 13.99
C PRO B 60 24.23 -18.29 12.73
N GLY B 61 25.17 -17.46 12.35
CA GLY B 61 26.03 -17.75 11.24
C GLY B 61 25.35 -17.68 9.89
N VAL B 62 24.06 -17.29 9.83
CA VAL B 62 23.38 -17.25 8.52
C VAL B 62 22.64 -15.95 8.36
N GLY B 63 21.73 -15.64 9.28
CA GLY B 63 21.05 -14.35 9.31
C GLY B 63 19.94 -14.24 8.26
N ASP B 64 19.21 -13.13 8.26
CA ASP B 64 18.10 -12.88 7.31
C ASP B 64 18.68 -13.09 5.92
N VAL B 65 17.98 -13.81 5.06
CA VAL B 65 18.49 -14.07 3.71
C VAL B 65 18.85 -12.84 2.93
N THR B 66 18.19 -11.74 3.21
CA THR B 66 18.41 -10.53 2.41
C THR B 66 19.84 -10.00 2.60
N ARG B 67 20.51 -10.39 3.69
CA ARG B 67 21.92 -9.99 3.90
C ARG B 67 22.83 -10.40 2.75
N HIS B 68 22.51 -11.53 2.10
CA HIS B 68 23.39 -12.04 1.07
C HIS B 68 22.78 -12.10 -0.33
N GLN B 69 21.58 -11.58 -0.52
CA GLN B 69 20.96 -11.60 -1.85
C GLN B 69 21.05 -10.25 -2.52
N LEU B 70 21.32 -10.27 -3.82
CA LEU B 70 21.38 -9.09 -4.66
C LEU B 70 22.43 -8.07 -4.18
N ARG B 71 23.54 -8.58 -3.67
CA ARG B 71 24.64 -7.75 -3.20
C ARG B 71 25.22 -6.92 -4.35
N ASP B 72 25.49 -5.67 -4.11
CA ASP B 72 26.23 -4.82 -5.06
C ASP B 72 27.75 -4.75 -4.74
N ILE B 73 28.11 -4.96 -3.50
CA ILE B 73 29.48 -4.90 -3.00
C ILE B 73 29.75 -6.30 -2.41
N PRO B 74 30.81 -6.98 -2.89
CA PRO B 74 31.10 -8.31 -2.38
C PRO B 74 31.30 -8.35 -0.88
N ASP B 75 30.82 -9.44 -0.28
CA ASP B 75 31.13 -9.83 1.09
C ASP B 75 30.59 -8.96 2.18
N ILE B 76 29.74 -7.98 1.89
CA ILE B 76 29.06 -7.25 2.99
C ILE B 76 27.55 -7.29 2.79
N ASP B 77 26.80 -6.88 3.79
CA ASP B 77 25.33 -6.88 3.69
C ASP B 77 24.79 -6.13 2.51
N ALA B 78 23.87 -6.77 1.76
CA ALA B 78 23.25 -6.20 0.61
C ALA B 78 22.31 -5.04 1.00
N LEU B 79 22.04 -4.15 0.05
CA LEU B 79 21.07 -3.09 0.22
C LEU B 79 19.70 -3.65 0.48
N TYR B 80 19.41 -4.85 0.01
CA TYR B 80 18.13 -5.49 0.27
C TYR B 80 17.94 -5.50 1.75
N PHE B 81 19.03 -5.83 2.46
CA PHE B 81 19.00 -5.86 3.90
C PHE B 81 19.06 -4.45 4.52
N THR B 82 20.01 -3.61 4.10
CA THR B 82 20.23 -2.38 4.90
C THR B 82 19.05 -1.40 4.76
N MET B 83 18.29 -1.49 3.65
CA MET B 83 17.15 -0.57 3.41
C MET B 83 15.90 -1.01 4.20
N LEU B 84 15.96 -2.17 4.82
CA LEU B 84 14.79 -2.72 5.48
C LEU B 84 15.05 -3.00 6.94
N ASN B 85 16.26 -2.72 7.43
CA ASN B 85 16.67 -3.11 8.77
C ASN B 85 17.44 -2.02 9.48
N SER B 86 17.27 -0.81 8.98
CA SER B 86 17.79 0.33 9.74
C SER B 86 17.26 0.40 11.18
N ASN B 87 18.16 0.82 12.09
CA ASN B 87 17.81 1.09 13.50
C ASN B 87 17.57 -0.16 14.35
N LYS B 88 17.68 -1.35 13.79
CA LYS B 88 17.39 -2.58 14.54
C LYS B 88 18.64 -3.10 15.23
N ARG B 89 18.47 -3.90 16.25
CA ARG B 89 19.59 -4.52 16.89
C ARG B 89 19.56 -5.95 16.42
N SER B 90 20.70 -6.52 16.06
CA SER B 90 20.73 -7.95 15.63
C SER B 90 21.24 -8.90 16.70
N ILE B 91 20.46 -9.94 17.05
CA ILE B 91 20.97 -11.02 17.89
C ILE B 91 20.97 -12.32 17.13
N GLU B 92 22.07 -13.04 17.21
CA GLU B 92 22.09 -14.43 16.72
C GLU B 92 21.64 -15.36 17.81
N LEU B 93 20.64 -16.21 17.54
CA LEU B 93 20.02 -17.06 18.55
C LEU B 93 19.42 -18.28 17.86
N ASN B 94 19.85 -19.48 18.29
CA ASN B 94 19.25 -20.72 17.84
C ASN B 94 18.20 -21.14 18.85
N THR B 95 16.93 -20.88 18.53
CA THR B 95 15.85 -21.20 19.46
C THR B 95 15.55 -22.70 19.57
N LYS B 96 16.03 -23.52 18.63
CA LYS B 96 15.91 -24.98 18.74
C LYS B 96 16.74 -25.65 19.80
N THR B 97 17.66 -25.02 20.39
CA THR B 97 18.47 -25.47 21.52
C THR B 97 17.82 -25.10 22.82
N ALA B 98 18.23 -25.76 23.89
CA ALA B 98 17.64 -25.52 25.22
C ALA B 98 18.00 -24.16 25.77
N GLU B 99 19.25 -23.71 25.57
CA GLU B 99 19.62 -22.39 26.05
C GLU B 99 18.94 -21.29 25.21
N GLY B 100 18.79 -21.53 23.93
CA GLY B 100 18.22 -20.54 23.03
C GLY B 100 16.72 -20.39 23.31
N LYS B 101 16.10 -21.50 23.72
CA LYS B 101 14.70 -21.50 24.12
C LYS B 101 14.56 -20.71 25.40
N GLU B 102 15.50 -20.85 26.31
CA GLU B 102 15.42 -20.16 27.58
C GLU B 102 15.65 -18.66 27.42
N VAL B 103 16.53 -18.27 26.50
CA VAL B 103 16.75 -16.84 26.19
C VAL B 103 15.40 -16.31 25.63
N MET B 104 14.80 -17.09 24.73
CA MET B 104 13.58 -16.68 24.02
C MET B 104 12.46 -16.46 24.99
N GLU B 105 12.32 -17.36 25.96
CA GLU B 105 11.34 -17.14 27.00
C GLU B 105 11.58 -15.84 27.78
N LYS B 106 12.85 -15.53 28.09
CA LYS B 106 13.14 -14.28 28.81
C LYS B 106 12.83 -13.06 27.94
N LEU B 107 13.10 -13.15 26.66
CA LEU B 107 12.79 -12.08 25.71
C LEU B 107 11.25 -11.82 25.64
N ILE B 108 10.48 -12.91 25.55
CA ILE B 108 9.00 -12.83 25.55
C ILE B 108 8.49 -12.12 26.81
N ARG B 109 9.08 -12.41 27.96
CA ARG B 109 8.65 -11.78 29.20
C ARG B 109 8.83 -10.27 29.22
N GLU B 110 9.88 -9.79 28.56
CA GLU B 110 10.25 -8.38 28.59
C GLU B 110 9.58 -7.59 27.44
N ALA B 111 9.10 -8.29 26.41
CA ALA B 111 8.67 -7.65 25.17
C ALA B 111 7.26 -7.14 25.23
N ASP B 112 6.98 -6.07 24.46
CA ASP B 112 5.60 -5.62 24.16
C ASP B 112 4.98 -6.29 22.93
N ILE B 113 5.82 -6.57 21.93
CA ILE B 113 5.36 -7.05 20.65
C ILE B 113 6.28 -8.13 20.16
N LEU B 114 5.73 -9.18 19.58
CA LEU B 114 6.53 -10.15 18.89
C LEU B 114 5.98 -10.12 17.48
N VAL B 115 6.84 -10.06 16.48
CA VAL B 115 6.39 -10.11 15.09
C VAL B 115 7.07 -11.29 14.41
N GLU B 116 6.31 -12.00 13.60
CA GLU B 116 6.85 -13.07 12.80
C GLU B 116 6.12 -13.17 11.46
N ASN B 117 6.85 -13.64 10.45
CA ASN B 117 6.35 -13.92 9.12
C ASN B 117 6.85 -15.27 8.65
N PHE B 118 6.94 -16.21 9.57
CA PHE B 118 7.20 -17.64 9.27
C PHE B 118 5.96 -18.37 8.70
N HIS B 119 6.13 -19.65 8.37
CA HIS B 119 5.00 -20.51 8.03
C HIS B 119 4.19 -20.85 9.28
N PRO B 120 2.90 -21.19 9.13
CA PRO B 120 2.04 -21.43 10.29
C PRO B 120 2.62 -22.48 11.23
N GLY B 121 2.54 -22.21 12.53
CA GLY B 121 2.99 -23.10 13.57
C GLY B 121 4.47 -23.03 13.94
N ALA B 122 5.28 -22.22 13.27
CA ALA B 122 6.74 -22.20 13.54
C ALA B 122 7.00 -21.83 15.02
N ILE B 123 6.25 -20.86 15.54
CA ILE B 123 6.45 -20.40 16.91
C ILE B 123 5.95 -21.48 17.86
N ASP B 124 4.87 -22.19 17.49
CA ASP B 124 4.32 -23.27 18.34
C ASP B 124 5.42 -24.31 18.50
N HIS B 125 6.02 -24.67 17.35
CA HIS B 125 7.07 -25.70 17.25
C HIS B 125 8.29 -25.37 18.13
N MET B 126 8.59 -24.07 18.27
CA MET B 126 9.65 -23.56 19.12
C MET B 126 9.37 -23.77 20.61
N GLY B 127 8.11 -24.03 20.93
CA GLY B 127 7.70 -24.31 22.31
C GLY B 127 6.83 -23.23 22.90
N PHE B 128 6.32 -22.32 22.06
CA PHE B 128 5.54 -21.19 22.52
C PHE B 128 4.26 -21.06 21.71
N THR B 129 3.25 -21.82 22.07
CA THR B 129 1.91 -21.55 21.57
C THR B 129 1.48 -20.13 22.00
N TRP B 130 0.42 -19.64 21.39
CA TRP B 130 -0.07 -18.31 21.68
C TRP B 130 -0.58 -18.38 23.12
N GLU B 131 -1.21 -19.49 23.47
CA GLU B 131 -1.66 -19.74 24.84
C GLU B 131 -0.54 -19.62 25.85
N HIS B 132 0.58 -20.26 25.56
CA HIS B 132 1.71 -20.26 26.48
C HIS B 132 2.30 -18.84 26.54
N ILE B 133 2.26 -18.14 25.41
CA ILE B 133 2.80 -16.77 25.40
C ILE B 133 1.96 -15.84 26.28
N GLN B 134 0.64 -16.03 26.26
CA GLN B 134 -0.30 -15.24 27.03
C GLN B 134 -0.09 -15.45 28.51
N GLU B 135 0.28 -16.68 28.88
CA GLU B 135 0.55 -17.04 30.28
C GLU B 135 1.81 -16.36 30.75
N ILE B 136 2.85 -16.41 29.93
CA ILE B 136 4.14 -15.76 30.24
C ILE B 136 4.01 -14.23 30.31
N ASN B 137 3.34 -13.67 29.30
CA ASN B 137 3.24 -12.24 29.19
C ASN B 137 1.87 -11.83 28.63
N PRO B 138 0.91 -11.64 29.51
CA PRO B 138 -0.45 -11.26 29.08
C PRO B 138 -0.54 -9.89 28.36
N ARG B 139 0.51 -9.09 28.44
CA ARG B 139 0.56 -7.79 27.75
C ARG B 139 1.12 -7.88 26.30
N LEU B 140 1.66 -9.04 25.94
CA LEU B 140 2.38 -9.09 24.70
C LEU B 140 1.42 -9.14 23.50
N ILE B 141 1.73 -8.33 22.50
CA ILE B 141 0.94 -8.31 21.26
C ILE B 141 1.71 -9.10 20.20
N PHE B 142 1.06 -10.09 19.61
CA PHE B 142 1.70 -11.04 18.70
C PHE B 142 1.25 -10.72 17.30
N GLY B 143 2.16 -10.33 16.42
CA GLY B 143 1.79 -9.94 15.09
C GLY B 143 2.31 -10.97 14.16
N SER B 144 1.45 -11.46 13.26
CA SER B 144 1.78 -12.51 12.37
C SER B 144 1.41 -12.13 10.95
N ILE B 145 2.34 -12.28 10.01
CA ILE B 145 2.07 -12.12 8.58
C ILE B 145 2.00 -13.48 7.97
N LYS B 146 0.94 -13.75 7.18
CA LYS B 146 0.79 -14.97 6.40
C LYS B 146 0.43 -14.64 4.96
N GLY B 147 0.53 -15.65 4.09
CA GLY B 147 0.15 -15.49 2.69
C GLY B 147 -1.35 -15.24 2.54
N PHE B 148 -2.12 -16.04 3.26
CA PHE B 148 -3.56 -16.10 3.11
C PHE B 148 -4.19 -16.27 4.47
N ASP B 149 -5.48 -16.01 4.55
CA ASP B 149 -6.18 -16.08 5.83
C ASP B 149 -6.33 -17.52 6.30
N GLU B 150 -6.65 -17.67 7.57
CA GLU B 150 -6.72 -18.99 8.20
C GLU B 150 -7.62 -20.02 7.53
N CYS B 151 -8.76 -19.61 7.00
CA CYS B 151 -9.69 -20.58 6.44
C CYS B 151 -9.51 -20.75 4.95
N SER B 152 -8.46 -20.17 4.39
CA SER B 152 -8.31 -20.18 2.97
C SER B 152 -7.92 -21.57 2.42
N PRO B 153 -8.44 -21.94 1.25
CA PRO B 153 -7.95 -23.13 0.54
C PRO B 153 -6.43 -23.03 0.25
N TYR B 154 -5.91 -21.80 0.14
CA TYR B 154 -4.49 -21.59 -0.14
C TYR B 154 -3.63 -21.43 1.09
N VAL B 155 -4.08 -21.85 2.29
CA VAL B 155 -3.35 -21.54 3.55
C VAL B 155 -1.88 -21.89 3.62
N ASN B 156 -1.53 -23.02 3.04
CA ASN B 156 -0.16 -23.49 3.07
C ASN B 156 0.56 -23.31 1.69
N VAL B 157 -0.02 -22.51 0.79
CA VAL B 157 0.73 -22.01 -0.39
C VAL B 157 1.81 -21.04 0.15
N LYS B 158 3.03 -21.13 -0.37
CA LYS B 158 4.12 -20.22 0.03
C LYS B 158 3.96 -18.96 -0.82
N ALA B 159 3.70 -17.82 -0.21
CA ALA B 159 3.36 -16.62 -0.96
C ALA B 159 4.59 -15.70 -1.01
N TYR B 160 5.06 -15.44 -2.21
CA TYR B 160 5.97 -14.35 -2.47
C TYR B 160 5.11 -13.19 -2.99
N GLU B 161 5.73 -12.01 -3.03
CA GLU B 161 5.18 -10.75 -3.57
C GLU B 161 4.13 -10.93 -4.63
N ASN B 162 4.53 -11.54 -5.76
CA ASN B 162 3.69 -11.62 -6.93
C ASN B 162 2.62 -12.71 -6.84
N VAL B 163 2.84 -13.72 -6.02
CA VAL B 163 1.83 -14.70 -5.75
C VAL B 163 0.62 -14.06 -5.12
N ALA B 164 0.86 -13.17 -4.15
CA ALA B 164 -0.19 -12.43 -3.49
C ALA B 164 -0.84 -11.43 -4.43
N GLN B 165 -0.07 -10.83 -5.35
CA GLN B 165 -0.64 -9.92 -6.31
C GLN B 165 -1.63 -10.63 -7.23
N ALA B 166 -1.31 -11.88 -7.55
CA ALA B 166 -2.20 -12.69 -8.36
C ALA B 166 -3.47 -13.04 -7.57
N ALA B 167 -3.32 -13.43 -6.33
CA ALA B 167 -4.44 -13.92 -5.55
C ALA B 167 -5.33 -12.78 -5.08
N GLY B 168 -4.80 -11.56 -5.07
CA GLY B 168 -5.48 -10.46 -4.43
C GLY B 168 -6.30 -9.56 -5.31
N GLY B 169 -6.23 -9.79 -6.62
CA GLY B 169 -7.05 -9.08 -7.57
C GLY B 169 -6.23 -8.05 -8.38
N ALA B 170 -5.04 -7.72 -7.93
CA ALA B 170 -4.25 -6.67 -8.59
C ALA B 170 -3.74 -7.12 -10.00
N ALA B 171 -3.15 -8.32 -10.10
CA ALA B 171 -2.68 -8.75 -11.39
C ALA B 171 -3.80 -8.84 -12.43
N SER B 172 -4.97 -9.28 -12.01
CA SER B 172 -6.10 -9.41 -12.91
C SER B 172 -6.49 -8.08 -13.57
N THR B 173 -6.35 -6.98 -12.82
CA THR B 173 -6.91 -5.68 -13.15
C THR B 173 -5.86 -4.69 -13.53
N THR B 174 -4.61 -5.14 -13.60
CA THR B 174 -3.48 -4.29 -13.99
C THR B 174 -2.93 -4.80 -15.32
N GLY B 175 -2.60 -3.84 -16.17
CA GLY B 175 -2.04 -4.17 -17.47
C GLY B 175 -3.01 -3.69 -18.57
N PHE B 176 -2.88 -4.29 -19.75
CA PHE B 176 -3.71 -3.96 -20.90
C PHE B 176 -4.68 -5.10 -21.17
N TRP B 177 -5.83 -4.73 -21.68
CA TRP B 177 -6.94 -5.65 -21.97
C TRP B 177 -6.55 -6.76 -22.96
N ASP B 178 -5.63 -6.44 -23.86
CA ASP B 178 -5.08 -7.38 -24.84
C ASP B 178 -3.67 -7.89 -24.54
N GLY B 179 -3.29 -7.80 -23.28
CA GLY B 179 -2.07 -8.37 -22.75
C GLY B 179 -2.39 -9.26 -21.55
N PRO B 180 -1.39 -9.90 -20.97
CA PRO B 180 -1.56 -10.74 -19.77
C PRO B 180 -1.80 -9.86 -18.52
N PRO B 181 -2.19 -10.50 -17.44
CA PRO B 181 -2.18 -9.87 -16.12
C PRO B 181 -0.79 -9.37 -15.89
N LEU B 182 -0.66 -8.24 -15.17
CA LEU B 182 0.63 -7.67 -14.90
C LEU B 182 0.81 -7.42 -13.43
N VAL B 183 2.00 -7.73 -12.93
CA VAL B 183 2.35 -7.40 -11.55
C VAL B 183 2.73 -5.95 -11.48
N SER B 184 2.61 -5.40 -10.29
CA SER B 184 3.07 -4.05 -10.03
C SER B 184 4.45 -4.03 -9.44
N ALA B 185 5.26 -3.03 -9.79
CA ALA B 185 6.56 -2.83 -9.16
C ALA B 185 6.39 -2.55 -7.70
N ALA B 186 5.33 -1.83 -7.38
CA ALA B 186 5.03 -1.51 -5.99
C ALA B 186 4.81 -2.80 -5.17
N ALA B 187 5.38 -2.87 -3.97
CA ALA B 187 5.35 -4.13 -3.15
C ALA B 187 3.99 -4.31 -2.47
N LEU B 188 2.97 -4.60 -3.28
CA LEU B 188 1.58 -4.81 -2.80
C LEU B 188 1.48 -5.96 -1.85
N GLY B 189 2.29 -6.98 -2.10
CA GLY B 189 2.28 -8.17 -1.25
C GLY B 189 3.22 -8.12 -0.10
N ASP B 190 4.32 -7.35 -0.18
CA ASP B 190 5.34 -7.40 0.83
C ASP B 190 5.29 -6.16 1.71
N SER B 191 5.92 -5.04 1.32
CA SER B 191 5.82 -3.85 2.17
C SER B 191 4.40 -3.40 2.56
N ASN B 192 3.49 -3.42 1.60
CA ASN B 192 2.10 -3.10 1.87
C ASN B 192 1.54 -3.97 2.99
N THR B 193 1.77 -5.27 2.92
CA THR B 193 1.37 -6.10 4.04
C THR B 193 2.05 -5.68 5.33
N GLY B 194 3.35 -5.33 5.31
CA GLY B 194 3.96 -4.83 6.53
C GLY B 194 3.33 -3.53 7.08
N MET B 195 2.89 -2.63 6.21
CA MET B 195 2.29 -1.39 6.65
C MET B 195 0.92 -1.68 7.26
N HIS B 196 0.21 -2.69 6.74
CA HIS B 196 -1.12 -3.09 7.26
C HIS B 196 -0.93 -3.76 8.59
N LEU B 197 0.10 -4.61 8.73
CA LEU B 197 0.30 -5.20 10.07
C LEU B 197 0.63 -4.09 11.05
N LEU B 198 1.43 -3.14 10.59
CA LEU B 198 1.83 -2.03 11.47
C LEU B 198 0.59 -1.27 12.01
N ILE B 199 -0.40 -1.02 11.16
CA ILE B 199 -1.67 -0.38 11.60
C ILE B 199 -2.25 -1.25 12.72
N GLY B 200 -2.31 -2.54 12.52
CA GLY B 200 -2.86 -3.41 13.53
C GLY B 200 -2.13 -3.39 14.85
N LEU B 201 -0.81 -3.40 14.78
CA LEU B 201 0.00 -3.39 15.99
C LEU B 201 -0.21 -2.08 16.75
N LEU B 202 -0.26 -0.96 16.04
CA LEU B 202 -0.49 0.34 16.68
C LEU B 202 -1.88 0.42 17.28
N ALA B 203 -2.89 -0.10 16.57
CA ALA B 203 -4.22 -0.21 17.14
C ALA B 203 -4.23 -1.10 18.39
N ALA B 204 -3.52 -2.21 18.33
CA ALA B 204 -3.48 -3.16 19.43
C ALA B 204 -2.81 -2.52 20.67
N LEU B 205 -1.80 -1.68 20.47
CA LEU B 205 -1.18 -0.92 21.56
C LEU B 205 -2.17 0.00 22.20
N LEU B 206 -2.92 0.70 21.35
CA LEU B 206 -3.99 1.57 21.84
C LEU B 206 -5.06 0.80 22.57
N HIS B 207 -5.43 -0.37 22.12
CA HIS B 207 -6.47 -1.14 22.76
C HIS B 207 -5.96 -1.61 24.11
N ARG B 208 -4.68 -1.93 24.17
CA ARG B 208 -4.04 -2.46 25.38
C ARG B 208 -4.09 -1.45 26.53
N GLU B 209 -4.12 -0.18 26.19
CA GLU B 209 -4.24 0.84 27.25
C GLU B 209 -5.52 0.73 28.00
N LYS B 210 -6.56 0.19 27.35
CA LYS B 210 -7.82 0.00 28.02
C LYS B 210 -7.98 -1.39 28.60
N THR B 211 -7.60 -2.46 27.87
CA THR B 211 -7.83 -3.84 28.31
C THR B 211 -6.75 -4.32 29.26
N GLY B 212 -5.60 -3.66 29.27
CA GLY B 212 -4.42 -4.16 29.95
C GLY B 212 -3.88 -5.45 29.39
N ARG B 213 -4.25 -5.84 28.16
CA ARG B 213 -3.88 -7.12 27.61
C ARG B 213 -3.41 -6.93 26.17
N GLY B 214 -2.49 -7.77 25.80
CA GLY B 214 -2.08 -7.88 24.39
C GLY B 214 -3.08 -8.76 23.71
N GLN B 215 -2.85 -8.95 22.42
CA GLN B 215 -3.72 -9.82 21.62
C GLN B 215 -2.90 -10.19 20.37
N ARG B 216 -3.47 -11.07 19.55
CA ARG B 216 -2.87 -11.55 18.30
C ARG B 216 -3.48 -10.71 17.17
N VAL B 217 -2.63 -10.23 16.29
CA VAL B 217 -3.02 -9.41 15.12
C VAL B 217 -2.41 -10.14 13.94
N THR B 218 -3.25 -10.58 12.99
CA THR B 218 -2.81 -11.29 11.82
C THR B 218 -3.18 -10.51 10.56
N MET B 219 -2.28 -10.62 9.58
CA MET B 219 -2.42 -9.85 8.34
C MET B 219 -1.94 -10.75 7.23
N SER B 220 -2.80 -10.98 6.27
CA SER B 220 -2.43 -11.78 5.13
C SER B 220 -2.06 -10.88 3.96
N MET B 221 -1.19 -11.39 3.12
CA MET B 221 -0.74 -10.69 1.94
C MET B 221 -1.85 -10.59 0.91
N GLN B 222 -2.66 -11.64 0.74
CA GLN B 222 -3.81 -11.55 -0.11
C GLN B 222 -4.74 -10.40 0.31
N ASP B 223 -4.98 -10.20 1.63
CA ASP B 223 -5.91 -9.21 2.07
C ASP B 223 -5.35 -7.78 1.89
N ALA B 224 -4.03 -7.66 1.95
CA ALA B 224 -3.36 -6.37 1.80
C ALA B 224 -3.54 -5.92 0.38
N VAL B 225 -3.36 -6.87 -0.54
CA VAL B 225 -3.52 -6.54 -1.95
C VAL B 225 -4.97 -6.12 -2.24
N LEU B 226 -5.92 -6.96 -1.78
CA LEU B 226 -7.33 -6.72 -1.93
C LEU B 226 -7.77 -5.31 -1.43
N ASN B 227 -7.29 -4.94 -0.28
CA ASN B 227 -7.63 -3.66 0.33
C ASN B 227 -7.27 -2.49 -0.58
N LEU B 228 -6.12 -2.57 -1.24
CA LEU B 228 -5.73 -1.53 -2.22
C LEU B 228 -6.50 -1.61 -3.51
N CYS B 229 -7.07 -2.80 -3.81
CA CYS B 229 -7.91 -3.00 -4.93
C CYS B 229 -9.41 -2.79 -4.67
N ARG B 230 -9.75 -2.18 -3.52
CA ARG B 230 -11.12 -1.96 -3.16
C ARG B 230 -11.96 -1.38 -4.26
N VAL B 231 -11.42 -0.39 -4.98
CA VAL B 231 -12.22 0.26 -6.06
C VAL B 231 -12.51 -0.68 -7.27
N LYS B 232 -11.70 -1.72 -7.48
CA LYS B 232 -11.96 -2.72 -8.46
C LYS B 232 -13.14 -3.61 -8.10
N LEU B 233 -13.36 -3.82 -6.82
CA LEU B 233 -14.57 -4.47 -6.35
C LEU B 233 -15.85 -3.60 -6.51
N ARG B 234 -15.70 -2.26 -6.42
CA ARG B 234 -16.73 -1.31 -6.81
C ARG B 234 -17.11 -1.58 -8.26
N ASP B 235 -16.07 -1.63 -9.08
CA ASP B 235 -16.28 -1.75 -10.51
C ASP B 235 -16.89 -3.11 -10.81
N GLN B 236 -16.55 -4.15 -10.08
CA GLN B 236 -17.11 -5.49 -10.35
C GLN B 236 -18.61 -5.48 -10.12
N GLN B 237 -19.02 -4.86 -9.04
CA GLN B 237 -20.42 -4.75 -8.74
C GLN B 237 -21.20 -3.89 -9.72
N ARG B 238 -20.56 -2.85 -10.25
CA ARG B 238 -21.16 -2.03 -11.25
C ARG B 238 -21.36 -2.85 -12.50
N LEU B 239 -20.30 -3.61 -12.85
CA LEU B 239 -20.35 -4.48 -14.02
C LEU B 239 -21.45 -5.52 -13.89
N ASP B 240 -21.52 -6.14 -12.73
CA ASP B 240 -22.55 -7.19 -12.47
C ASP B 240 -23.95 -6.63 -12.71
N LYS B 241 -24.17 -5.39 -12.32
CA LYS B 241 -25.48 -4.74 -12.35
C LYS B 241 -25.84 -4.22 -13.73
N LEU B 242 -24.88 -3.61 -14.42
CA LEU B 242 -25.15 -2.88 -15.64
C LEU B 242 -24.67 -3.58 -16.88
N GLY B 243 -23.61 -4.37 -16.76
CA GLY B 243 -23.01 -4.95 -17.95
C GLY B 243 -21.90 -4.19 -18.65
N TYR B 244 -21.63 -2.96 -18.21
CA TYR B 244 -20.57 -2.16 -18.83
C TYR B 244 -20.09 -1.14 -17.80
N LEU B 245 -18.89 -0.63 -18.00
CA LEU B 245 -18.31 0.42 -17.15
C LEU B 245 -18.03 1.58 -18.08
N GLU B 246 -18.79 2.64 -17.91
CA GLU B 246 -18.92 3.68 -18.92
C GLU B 246 -17.65 4.52 -19.15
N GLU B 247 -16.74 4.47 -18.20
CA GLU B 247 -15.52 5.22 -18.22
C GLU B 247 -14.30 4.39 -18.54
N TYR B 248 -14.49 3.07 -18.69
CA TYR B 248 -13.41 2.16 -19.05
C TYR B 248 -13.10 2.23 -20.54
N PRO B 249 -11.86 1.93 -20.93
CA PRO B 249 -11.45 2.06 -22.33
C PRO B 249 -12.35 1.29 -23.25
N GLN B 250 -12.90 0.20 -22.76
CA GLN B 250 -13.74 -0.67 -23.54
C GLN B 250 -15.14 -0.06 -23.87
N TYR B 251 -15.55 1.03 -23.21
CA TYR B 251 -16.84 1.63 -23.49
C TYR B 251 -16.71 2.82 -24.50
N PRO B 252 -17.58 2.95 -25.50
CA PRO B 252 -18.69 2.05 -25.83
C PRO B 252 -18.40 1.06 -26.97
N ASN B 253 -17.22 1.11 -27.54
CA ASN B 253 -16.98 0.34 -28.78
C ASN B 253 -16.34 -1.01 -28.57
N GLY B 254 -15.91 -1.29 -27.36
CA GLY B 254 -15.35 -2.60 -27.08
C GLY B 254 -16.34 -3.47 -26.31
N THR B 255 -15.79 -4.49 -25.70
CA THR B 255 -16.60 -5.54 -25.10
C THR B 255 -16.25 -5.76 -23.62
N PHE B 256 -17.28 -6.00 -22.82
CA PHE B 256 -17.10 -6.35 -21.42
C PHE B 256 -17.46 -7.80 -21.20
N GLY B 257 -16.71 -8.48 -20.34
CA GLY B 257 -16.98 -9.86 -19.96
C GLY B 257 -17.53 -9.83 -18.54
N ASP B 258 -17.44 -10.94 -17.85
CA ASP B 258 -18.09 -11.00 -16.58
C ASP B 258 -17.22 -10.44 -15.42
N ALA B 259 -15.94 -10.24 -15.71
CA ALA B 259 -14.99 -9.66 -14.72
C ALA B 259 -14.44 -8.32 -15.12
N VAL B 260 -14.17 -7.49 -14.13
CA VAL B 260 -13.52 -6.22 -14.37
C VAL B 260 -12.26 -6.42 -15.19
N PRO B 261 -12.18 -5.75 -16.33
CA PRO B 261 -11.04 -5.93 -17.21
C PRO B 261 -9.90 -5.00 -16.91
N ARG B 262 -8.73 -5.33 -17.47
CA ARG B 262 -7.60 -4.44 -17.46
C ARG B 262 -7.90 -3.21 -18.35
N GLY B 263 -7.49 -2.05 -17.88
CA GLY B 263 -7.70 -0.79 -18.62
C GLY B 263 -6.50 0.05 -18.99
N GLY B 264 -5.34 -0.60 -19.16
CA GLY B 264 -4.09 0.09 -19.37
C GLY B 264 -3.86 1.23 -18.40
N ASN B 265 -3.70 2.46 -18.92
CA ASN B 265 -3.33 3.62 -18.16
C ASN B 265 -4.50 4.52 -17.82
N ALA B 266 -5.68 3.92 -17.77
CA ALA B 266 -6.93 4.66 -17.53
C ALA B 266 -6.89 5.13 -16.06
N GLY B 267 -7.71 6.12 -15.72
CA GLY B 267 -7.61 6.88 -14.46
C GLY B 267 -7.93 6.08 -13.21
N GLY B 268 -8.90 5.19 -13.32
CA GLY B 268 -9.31 4.28 -12.22
C GLY B 268 -10.39 4.87 -11.32
N GLY B 269 -10.71 6.14 -11.51
CA GLY B 269 -11.73 6.81 -10.71
C GLY B 269 -12.70 7.58 -11.60
N GLY B 270 -13.13 8.74 -11.12
CA GLY B 270 -14.03 9.62 -11.85
C GLY B 270 -13.42 10.51 -12.94
N GLN B 271 -12.08 10.56 -13.08
CA GLN B 271 -11.42 11.50 -14.03
C GLN B 271 -10.44 10.68 -14.88
N PRO B 272 -10.73 10.62 -16.17
CA PRO B 272 -9.90 9.89 -17.09
C PRO B 272 -8.52 10.49 -17.28
N GLY B 273 -7.59 9.65 -17.65
CA GLY B 273 -6.20 10.06 -17.86
C GLY B 273 -5.49 9.01 -18.72
N TRP B 274 -4.22 9.28 -19.01
CA TRP B 274 -3.42 8.33 -19.72
C TRP B 274 -1.95 8.72 -19.52
N ILE B 275 -1.04 7.80 -19.86
CA ILE B 275 0.39 8.04 -19.83
C ILE B 275 0.77 8.57 -21.24
N LEU B 276 1.33 9.77 -21.32
CA LEU B 276 1.64 10.43 -22.61
C LEU B 276 3.15 10.59 -22.84
N LYS B 277 3.56 10.39 -24.08
CA LYS B 277 4.95 10.61 -24.50
C LYS B 277 5.39 12.04 -24.43
N CYS B 278 6.57 12.24 -23.86
CA CYS B 278 7.24 13.52 -23.91
C CYS B 278 8.56 13.41 -24.73
N LYS B 279 9.22 14.52 -24.91
CA LYS B 279 10.43 14.49 -25.76
C LYS B 279 11.43 13.53 -25.19
N GLY B 280 12.02 12.74 -26.04
CA GLY B 280 13.06 11.83 -25.63
C GLY B 280 12.55 10.40 -25.51
N TRP B 281 11.23 10.19 -25.67
CA TRP B 281 10.63 8.87 -25.41
C TRP B 281 11.14 7.72 -26.24
N GLU B 282 11.62 7.99 -27.45
CA GLU B 282 12.06 6.91 -28.34
C GLU B 282 13.29 6.19 -27.73
N THR B 283 14.08 6.90 -26.93
CA THR B 283 15.23 6.31 -26.26
C THR B 283 15.28 6.45 -24.73
N ASP B 284 14.26 7.03 -24.10
CA ASP B 284 14.27 7.21 -22.63
C ASP B 284 12.93 6.60 -22.22
N PRO B 285 12.92 5.41 -21.63
CA PRO B 285 11.66 4.68 -21.35
C PRO B 285 10.79 5.36 -20.29
N ASN B 286 11.32 6.41 -19.68
CA ASN B 286 10.63 7.27 -18.74
C ASN B 286 10.36 8.71 -19.13
N ALA B 287 10.46 8.96 -20.45
CA ALA B 287 10.18 10.29 -20.98
C ALA B 287 8.67 10.38 -21.22
N TYR B 288 7.92 10.46 -20.12
CA TYR B 288 6.47 10.41 -20.18
C TYR B 288 5.90 11.22 -19.04
N ILE B 289 4.60 11.54 -19.14
CA ILE B 289 3.80 12.12 -18.06
C ILE B 289 2.49 11.36 -17.92
N TYR B 290 1.88 11.49 -16.76
CA TYR B 290 0.49 11.17 -16.60
C TYR B 290 -0.29 12.46 -16.81
N PHE B 291 -1.40 12.38 -17.51
CA PHE B 291 -2.21 13.55 -17.83
C PHE B 291 -3.70 13.16 -17.59
N THR B 292 -4.35 13.94 -16.72
CA THR B 292 -5.77 13.79 -16.36
C THR B 292 -6.57 14.86 -17.10
N ILE B 293 -7.60 14.40 -17.80
CA ILE B 293 -8.64 15.29 -18.28
C ILE B 293 -9.73 15.43 -17.24
N GLN B 294 -9.64 16.51 -16.46
CA GLN B 294 -10.55 16.71 -15.32
C GLN B 294 -11.82 17.39 -15.82
N GLU B 295 -12.98 16.84 -15.44
CA GLU B 295 -14.23 17.17 -16.05
C GLU B 295 -14.53 18.68 -15.96
N GLN B 296 -14.20 19.32 -14.85
CA GLN B 296 -14.48 20.74 -14.67
C GLN B 296 -13.43 21.63 -15.36
N ASN B 297 -12.44 21.03 -15.98
CA ASN B 297 -11.29 21.76 -16.49
C ASN B 297 -11.12 21.60 -17.99
N TRP B 298 -12.19 21.25 -18.69
CA TRP B 298 -12.08 21.10 -20.12
C TRP B 298 -11.65 22.39 -20.90
N GLU B 299 -12.28 23.51 -20.58
CA GLU B 299 -11.99 24.81 -21.18
C GLU B 299 -10.47 25.09 -21.09
N ASN B 300 -9.90 24.89 -19.91
CA ASN B 300 -8.47 25.19 -19.72
C ASN B 300 -7.62 24.16 -20.43
N THR B 301 -8.08 22.93 -20.52
CA THR B 301 -7.35 21.88 -21.20
C THR B 301 -7.26 22.20 -22.70
N CYS B 302 -8.38 22.65 -23.26
CA CYS B 302 -8.42 23.12 -24.64
C CYS B 302 -7.45 24.29 -24.87
N LYS B 303 -7.45 25.28 -23.96
CA LYS B 303 -6.56 26.42 -24.10
C LYS B 303 -5.09 25.99 -24.02
N ALA B 304 -4.77 25.04 -23.14
CA ALA B 304 -3.39 24.59 -22.96
C ALA B 304 -2.83 24.03 -24.27
N ILE B 305 -3.65 23.33 -25.02
CA ILE B 305 -3.17 22.67 -26.24
C ILE B 305 -3.60 23.46 -27.49
N GLY B 306 -4.04 24.71 -27.31
CA GLY B 306 -4.46 25.59 -28.42
C GLY B 306 -5.59 25.02 -29.28
N LYS B 307 -6.66 24.51 -28.66
CA LYS B 307 -7.85 24.01 -29.38
C LYS B 307 -9.10 24.68 -28.84
N PRO B 308 -9.19 26.01 -29.04
CA PRO B 308 -10.31 26.77 -28.51
C PRO B 308 -11.64 26.26 -29.09
N GLU B 309 -11.57 25.69 -30.28
CA GLU B 309 -12.76 25.23 -30.95
C GLU B 309 -13.38 23.99 -30.31
N TRP B 310 -12.64 23.32 -29.42
CA TRP B 310 -13.15 22.15 -28.74
C TRP B 310 -13.90 22.54 -27.48
N ILE B 311 -13.84 23.80 -27.06
CA ILE B 311 -14.38 24.21 -25.75
C ILE B 311 -15.90 24.00 -25.65
N THR B 312 -16.65 24.48 -26.64
CA THR B 312 -18.12 24.38 -26.62
C THR B 312 -18.66 23.40 -27.63
N ASP B 313 -17.80 22.73 -28.37
CA ASP B 313 -18.27 21.73 -29.33
C ASP B 313 -18.90 20.61 -28.51
N PRO B 314 -20.14 20.23 -28.82
CA PRO B 314 -20.83 19.17 -28.05
C PRO B 314 -20.19 17.79 -28.14
N ALA B 315 -19.43 17.53 -29.20
CA ALA B 315 -18.67 16.28 -29.32
C ALA B 315 -17.49 16.22 -28.31
N TYR B 316 -17.14 17.35 -27.69
CA TYR B 316 -16.01 17.43 -26.77
C TYR B 316 -16.26 18.01 -25.40
N SER B 317 -17.40 18.70 -25.18
CA SER B 317 -17.53 19.56 -24.02
C SER B 317 -17.84 18.81 -22.76
N THR B 318 -18.22 17.54 -22.86
CA THR B 318 -18.50 16.74 -21.68
C THR B 318 -17.71 15.46 -21.68
N ALA B 319 -17.60 14.85 -20.52
CA ALA B 319 -16.87 13.58 -20.42
C ALA B 319 -17.60 12.55 -21.23
N HIS B 320 -18.92 12.60 -21.20
CA HIS B 320 -19.68 11.54 -21.90
C HIS B 320 -19.39 11.62 -23.37
N ALA B 321 -19.29 12.83 -23.90
CA ALA B 321 -19.06 12.99 -25.33
C ALA B 321 -17.64 12.65 -25.75
N ARG B 322 -16.68 12.95 -24.88
CA ARG B 322 -15.27 12.69 -25.14
C ARG B 322 -14.98 11.20 -25.12
N GLN B 323 -15.67 10.42 -24.30
CA GLN B 323 -15.29 9.03 -24.03
C GLN B 323 -15.14 8.17 -25.27
N PRO B 324 -16.11 8.16 -26.21
CA PRO B 324 -15.99 7.32 -27.40
C PRO B 324 -14.83 7.66 -28.31
N HIS B 325 -14.28 8.87 -28.23
CA HIS B 325 -13.12 9.23 -29.03
C HIS B 325 -11.99 9.78 -28.13
N ILE B 326 -11.85 9.20 -26.91
CA ILE B 326 -10.94 9.83 -25.92
C ILE B 326 -9.46 9.62 -26.29
N PHE B 327 -9.17 8.54 -26.95
CA PHE B 327 -7.77 8.28 -27.40
C PHE B 327 -7.31 9.21 -28.53
N ASP B 328 -8.24 9.72 -29.36
CA ASP B 328 -7.90 10.79 -30.32
C ASP B 328 -7.54 12.03 -29.60
N ILE B 329 -8.25 12.26 -28.49
CA ILE B 329 -8.03 13.47 -27.75
C ILE B 329 -6.65 13.33 -27.15
N PHE B 330 -6.34 12.15 -26.59
CA PHE B 330 -5.02 12.00 -25.97
C PHE B 330 -3.89 12.12 -27.01
N ALA B 331 -4.09 11.57 -28.19
CA ALA B 331 -3.15 11.69 -29.32
C ALA B 331 -2.90 13.14 -29.63
N GLU B 332 -3.94 13.96 -29.57
CA GLU B 332 -3.81 15.36 -29.89
C GLU B 332 -3.00 16.09 -28.81
N ILE B 333 -3.22 15.73 -27.54
CA ILE B 333 -2.44 16.32 -26.46
C ILE B 333 -0.99 15.92 -26.63
N GLU B 334 -0.81 14.67 -27.01
CA GLU B 334 0.51 14.10 -27.17
C GLU B 334 1.32 14.85 -28.21
N LYS B 335 0.69 15.41 -29.24
CA LYS B 335 1.37 16.32 -30.19
C LYS B 335 2.10 17.49 -29.54
N TYR B 336 1.56 18.04 -28.45
CA TYR B 336 2.28 19.02 -27.66
C TYR B 336 3.33 18.38 -26.78
N THR B 337 2.92 17.36 -26.00
CA THR B 337 3.85 16.83 -24.99
C THR B 337 5.08 16.24 -25.63
N VAL B 338 5.01 15.59 -26.79
CA VAL B 338 6.23 15.03 -27.41
C VAL B 338 7.31 16.11 -27.72
N THR B 339 6.96 17.40 -27.72
CA THR B 339 7.92 18.46 -28.10
C THR B 339 8.78 19.01 -27.00
N ILE B 340 8.46 18.65 -25.76
CA ILE B 340 9.20 19.21 -24.64
C ILE B 340 9.50 18.13 -23.62
N ASP B 341 10.46 18.43 -22.78
CA ASP B 341 10.87 17.54 -21.72
C ASP B 341 9.67 17.33 -20.79
N LYS B 342 9.55 16.14 -20.20
CA LYS B 342 8.42 15.90 -19.31
C LYS B 342 8.30 16.89 -18.17
N HIS B 343 9.41 17.41 -17.66
CA HIS B 343 9.34 18.39 -16.56
C HIS B 343 8.75 19.73 -17.00
N GLU B 344 9.15 20.17 -18.19
CA GLU B 344 8.63 21.41 -18.75
C GLU B 344 7.15 21.33 -19.14
N ALA B 345 6.74 20.18 -19.69
CA ALA B 345 5.35 19.84 -19.96
C ALA B 345 4.53 20.03 -18.69
N VAL B 346 5.00 19.49 -17.58
CA VAL B 346 4.20 19.53 -16.35
C VAL B 346 4.15 20.97 -15.81
N ALA B 347 5.28 21.68 -15.85
CA ALA B 347 5.34 23.07 -15.35
C ALA B 347 4.32 23.91 -16.13
N TYR B 348 4.24 23.70 -17.46
CA TYR B 348 3.30 24.48 -18.29
C TYR B 348 1.84 24.03 -17.98
N LEU B 349 1.57 22.72 -18.18
CA LEU B 349 0.20 22.22 -18.04
C LEU B 349 -0.46 22.48 -16.69
N THR B 350 0.33 22.43 -15.63
CA THR B 350 -0.14 22.70 -14.31
C THR B 350 -0.70 24.08 -14.21
N GLN B 351 -0.15 25.04 -14.96
CA GLN B 351 -0.74 26.39 -14.89
C GLN B 351 -2.11 26.51 -15.51
N PHE B 352 -2.47 25.54 -16.34
CA PHE B 352 -3.82 25.39 -16.89
C PHE B 352 -4.69 24.43 -16.05
N ASP B 353 -4.23 24.19 -14.83
CA ASP B 353 -4.93 23.39 -13.83
C ASP B 353 -5.08 21.93 -14.22
N ILE B 354 -4.29 21.46 -15.18
CA ILE B 354 -4.37 20.08 -15.66
C ILE B 354 -3.59 19.17 -14.70
N PRO B 355 -4.22 18.17 -14.09
CA PRO B 355 -3.47 17.29 -13.22
C PRO B 355 -2.52 16.47 -14.01
N CYS B 356 -1.23 16.56 -13.65
CA CYS B 356 -0.19 15.84 -14.36
C CYS B 356 1.08 15.82 -13.56
N ALA B 357 1.89 14.80 -13.86
CA ALA B 357 3.21 14.70 -13.28
C ALA B 357 4.09 13.89 -14.18
N PRO B 358 5.42 14.07 -14.05
CA PRO B 358 6.33 13.29 -14.83
C PRO B 358 6.30 11.85 -14.37
N VAL B 359 6.50 10.91 -15.28
CA VAL B 359 6.96 9.57 -14.87
C VAL B 359 8.44 9.64 -14.41
N LEU B 360 8.65 9.74 -13.11
CA LEU B 360 9.99 9.86 -12.61
C LEU B 360 10.62 8.51 -12.49
N SER B 361 11.85 8.39 -12.98
CA SER B 361 12.62 7.15 -12.88
C SER B 361 13.22 7.04 -11.47
N MET B 362 13.69 5.84 -11.13
CA MET B 362 14.31 5.64 -9.83
C MET B 362 15.66 6.35 -9.82
N LYS B 363 16.23 6.60 -11.00
CA LYS B 363 17.48 7.40 -11.03
C LYS B 363 17.18 8.87 -10.61
N GLU B 364 16.13 9.44 -11.22
CA GLU B 364 15.69 10.83 -10.86
C GLU B 364 15.29 10.91 -9.43
N ILE B 365 14.52 9.90 -8.95
CA ILE B 365 14.15 9.85 -7.54
C ILE B 365 15.38 9.78 -6.60
N SER B 366 16.34 8.99 -6.95
CA SER B 366 17.52 8.80 -6.15
C SER B 366 18.33 10.05 -5.97
N LEU B 367 18.24 10.94 -6.94
CA LEU B 367 19.05 12.17 -6.96
C LEU B 367 18.27 13.44 -6.74
N ASP B 368 16.96 13.33 -6.61
CA ASP B 368 16.08 14.49 -6.48
C ASP B 368 16.35 15.26 -5.17
N PRO B 369 16.85 16.51 -5.28
CA PRO B 369 17.21 17.28 -4.08
C PRO B 369 16.04 17.54 -3.17
N SER B 370 14.84 17.72 -3.73
CA SER B 370 13.64 17.97 -2.96
C SER B 370 13.24 16.76 -2.09
N LEU B 371 13.40 15.56 -2.63
CA LEU B 371 13.17 14.34 -1.84
C LEU B 371 14.20 14.11 -0.73
N ARG B 372 15.43 14.61 -0.94
CA ARG B 372 16.37 14.67 0.18
C ARG B 372 15.90 15.66 1.23
N GLN B 373 15.50 16.85 0.79
CA GLN B 373 15.12 17.91 1.71
C GLN B 373 13.93 17.48 2.52
N SER B 374 12.98 16.76 1.87
CA SER B 374 11.77 16.36 2.53
C SER B 374 11.93 15.11 3.42
N GLY B 375 13.13 14.50 3.44
CA GLY B 375 13.34 13.29 4.24
C GLY B 375 12.71 12.02 3.59
N SER B 376 12.35 12.10 2.31
CA SER B 376 11.68 11.00 1.56
C SER B 376 12.72 9.98 1.09
N VAL B 377 13.88 10.49 0.70
CA VAL B 377 15.07 9.70 0.40
C VAL B 377 16.18 10.20 1.29
N VAL B 378 16.79 9.26 2.01
CA VAL B 378 17.70 9.56 3.07
C VAL B 378 19.03 8.87 2.89
N GLU B 379 20.09 9.65 3.04
CA GLU B 379 21.45 9.09 2.95
C GLU B 379 21.89 8.62 4.32
N VAL B 380 22.33 7.35 4.47
CA VAL B 380 22.69 6.76 5.73
C VAL B 380 24.13 6.21 5.67
N GLU B 381 24.88 6.46 6.71
CA GLU B 381 26.21 5.90 6.90
C GLU B 381 26.13 4.49 7.48
N GLN B 382 26.73 3.56 6.78
CA GLN B 382 26.67 2.14 7.08
C GLN B 382 28.11 1.63 7.27
N PRO B 383 28.37 0.89 8.32
CA PRO B 383 29.72 0.30 8.52
C PRO B 383 30.11 -0.53 7.32
N LEU B 384 31.35 -0.31 6.87
CA LEU B 384 32.05 -1.11 5.85
C LEU B 384 31.64 -0.70 4.46
N ARG B 385 30.44 -0.15 4.32
CA ARG B 385 29.89 0.20 3.01
C ARG B 385 30.14 1.71 2.72
N GLY B 386 30.00 2.55 3.73
CA GLY B 386 29.88 3.97 3.51
C GLY B 386 28.37 4.36 3.33
N LYS B 387 28.10 5.26 2.41
CA LYS B 387 26.79 5.88 2.31
C LYS B 387 25.89 4.95 1.50
N TYR B 388 24.65 4.81 1.92
CA TYR B 388 23.63 4.30 1.02
C TYR B 388 22.40 5.17 1.10
N LEU B 389 21.53 5.00 0.11
CA LEU B 389 20.23 5.65 0.08
C LEU B 389 19.12 4.70 0.56
N THR B 390 18.24 5.26 1.40
CA THR B 390 17.00 4.57 1.65
C THR B 390 15.76 5.46 1.47
N VAL B 391 14.59 4.79 1.41
CA VAL B 391 13.35 5.48 1.63
C VAL B 391 13.17 5.74 3.07
N GLY B 392 12.85 6.99 3.33
CA GLY B 392 12.76 7.45 4.70
C GLY B 392 11.40 7.18 5.27
N CYS B 393 11.14 7.81 6.38
CA CYS B 393 9.89 7.67 7.08
C CYS B 393 8.83 8.42 6.30
N PRO B 394 7.81 7.71 5.84
CA PRO B 394 6.88 8.25 4.85
C PRO B 394 6.12 9.51 5.33
N MET B 395 5.60 9.44 6.53
CA MET B 395 4.79 10.49 7.09
C MET B 395 5.65 11.43 7.91
N LYS B 396 5.24 12.70 7.97
CA LYS B 396 5.94 13.72 8.71
C LYS B 396 5.13 14.14 9.91
N PHE B 397 5.83 14.39 11.05
CA PHE B 397 5.22 14.68 12.32
C PHE B 397 5.79 16.01 12.77
N SER B 398 4.94 16.95 13.18
CA SER B 398 5.42 18.26 13.57
C SER B 398 6.13 18.20 14.93
N ALA B 399 5.92 17.14 15.69
CA ALA B 399 6.48 17.05 17.06
C ALA B 399 7.53 15.94 17.20
N PHE B 400 7.89 15.32 16.07
CA PHE B 400 8.79 14.18 16.11
C PHE B 400 9.56 14.05 14.79
N THR B 401 10.86 13.94 14.91
CA THR B 401 11.76 13.83 13.79
C THR B 401 12.53 12.49 13.87
N PRO B 402 12.22 11.51 13.04
CA PRO B 402 12.91 10.22 13.14
C PRO B 402 14.41 10.41 12.85
N ASP B 403 15.27 9.62 13.47
CA ASP B 403 16.69 9.55 13.12
C ASP B 403 17.00 8.15 12.49
N ILE B 404 17.16 8.12 11.18
CA ILE B 404 17.42 6.87 10.45
C ILE B 404 18.89 6.52 10.49
N LYS B 405 19.17 5.31 10.96
CA LYS B 405 20.51 4.86 11.25
C LYS B 405 20.84 3.60 10.48
N ALA B 406 22.10 3.18 10.58
CA ALA B 406 22.61 2.00 9.91
C ALA B 406 21.79 0.75 10.24
N ALA B 407 21.90 -0.26 9.39
CA ALA B 407 21.34 -1.57 9.71
C ALA B 407 22.38 -2.33 10.49
N PRO B 408 21.98 -3.25 11.35
CA PRO B 408 22.94 -3.98 12.18
C PRO B 408 23.69 -5.07 11.42
N LEU B 409 24.96 -5.25 11.79
CA LEU B 409 25.77 -6.33 11.25
C LEU B 409 25.27 -7.54 12.03
N LEU B 410 25.42 -8.73 11.46
CA LEU B 410 24.83 -9.92 12.05
C LEU B 410 25.38 -10.20 13.43
N GLY B 411 24.51 -10.29 14.44
CA GLY B 411 24.92 -10.50 15.82
C GLY B 411 25.66 -9.36 16.50
N GLU B 412 25.61 -8.17 15.91
CA GLU B 412 26.28 -7.00 16.45
C GLU B 412 25.82 -6.71 17.88
N HIS B 413 24.57 -7.04 18.19
CA HIS B 413 23.97 -6.70 19.49
C HIS B 413 23.71 -7.90 20.38
N THR B 414 24.18 -9.09 20.00
CA THR B 414 23.88 -10.28 20.77
C THR B 414 24.29 -10.10 22.23
N ALA B 415 25.56 -9.72 22.42
CA ALA B 415 26.06 -9.59 23.80
C ALA B 415 25.23 -8.63 24.61
N ALA B 416 24.97 -7.42 24.06
CA ALA B 416 24.23 -6.39 24.82
C ALA B 416 22.81 -6.86 25.23
N VAL B 417 22.11 -7.52 24.30
CA VAL B 417 20.79 -8.03 24.54
C VAL B 417 20.84 -9.07 25.70
N LEU B 418 21.78 -10.00 25.66
CA LEU B 418 21.89 -11.04 26.71
C LEU B 418 22.32 -10.43 28.02
N GLN B 419 23.19 -9.45 27.97
CA GLN B 419 23.53 -8.69 29.17
C GLN B 419 22.30 -8.07 29.81
N GLU B 420 21.45 -7.45 29.01
CA GLU B 420 20.22 -6.81 29.53
C GLU B 420 19.29 -7.86 30.15
N LEU B 421 19.39 -9.10 29.72
CA LEU B 421 18.60 -10.17 30.32
C LEU B 421 19.26 -10.80 31.55
N GLY B 422 20.42 -10.32 31.99
CA GLY B 422 21.04 -10.81 33.21
C GLY B 422 22.18 -11.82 33.00
N TYR B 423 22.46 -12.28 31.77
CA TYR B 423 23.58 -13.18 31.50
C TYR B 423 24.96 -12.55 31.73
N SER B 424 25.87 -13.27 32.39
CA SER B 424 27.27 -12.80 32.55
C SER B 424 28.05 -12.96 31.25
N ASP B 425 29.23 -12.35 31.14
CA ASP B 425 30.03 -12.49 29.92
C ASP B 425 30.46 -13.93 29.72
N ASP B 426 30.64 -14.63 30.82
CA ASP B 426 31.08 -16.02 30.73
C ASP B 426 29.99 -16.85 30.16
N GLU B 427 28.78 -16.68 30.67
CA GLU B 427 27.61 -17.38 30.15
C GLU B 427 27.40 -17.11 28.65
N ILE B 428 27.62 -15.86 28.27
CA ILE B 428 27.49 -15.45 26.88
C ILE B 428 28.56 -16.11 26.03
N ALA B 429 29.79 -16.10 26.49
CA ALA B 429 30.87 -16.74 25.71
C ALA B 429 30.61 -18.24 25.58
N ALA B 430 30.06 -18.83 26.63
CA ALA B 430 29.75 -20.25 26.61
C ALA B 430 28.65 -20.58 25.59
N MET B 431 27.62 -19.73 25.53
CA MET B 431 26.58 -19.87 24.52
C MET B 431 27.12 -19.70 23.09
N LYS B 432 28.11 -18.85 22.87
CA LYS B 432 28.73 -18.77 21.56
C LYS B 432 29.43 -20.08 21.19
N GLN B 433 30.17 -20.65 22.13
CA GLN B 433 30.92 -21.89 21.87
C GLN B 433 30.01 -23.08 21.61
N ASN B 434 28.94 -23.20 22.41
CA ASN B 434 27.74 -24.12 22.24
C ASN B 434 26.96 -23.95 20.93
N HIS B 435 27.05 -22.77 20.33
CA HIS B 435 26.28 -22.40 19.15
C HIS B 435 24.80 -22.15 19.42
N ALA B 436 24.44 -21.98 20.69
CA ALA B 436 23.15 -21.41 21.05
C ALA B 436 23.03 -19.96 20.54
N ILE B 437 24.18 -19.28 20.39
CA ILE B 437 24.24 -17.98 19.70
C ILE B 437 25.38 -17.97 18.68
P PO4 C . -8.64 9.39 -8.65
O1 PO4 C . -7.57 9.67 -7.56
O2 PO4 C . -9.42 8.07 -8.65
O3 PO4 C . -8.14 9.48 -10.10
O4 PO4 C . -9.64 10.52 -8.41
P PO4 D . -12.68 11.34 -8.58
O1 PO4 D . -11.74 12.29 -7.84
O2 PO4 D . -13.78 11.04 -7.50
O3 PO4 D . -12.14 9.95 -8.80
O4 PO4 D . -13.34 12.12 -9.61
P PO4 E . -13.02 15.29 -8.51
O1 PO4 E . -13.64 14.14 -9.24
O2 PO4 E . -12.23 14.89 -7.28
O3 PO4 E . -14.15 16.14 -7.97
O4 PO4 E . -12.13 16.07 -9.46
P PO4 F . -11.82 -18.55 -5.93
O1 PO4 F . -11.66 -17.13 -5.46
O2 PO4 F . -10.70 -19.36 -5.29
O3 PO4 F . -11.79 -18.64 -7.46
O4 PO4 F . -13.19 -19.12 -5.54
C1 GOL G . -17.00 -0.89 14.38
O1 GOL G . -16.10 -1.84 14.11
C2 GOL G . -16.95 -0.62 15.87
O2 GOL G . -17.64 -1.61 16.59
C3 GOL G . -17.79 0.59 16.03
O3 GOL G . -17.85 0.90 17.39
P PO4 H . 13.59 -13.41 -1.43
O1 PO4 H . 14.54 -12.73 -0.39
O2 PO4 H . 12.45 -13.92 -0.53
O3 PO4 H . 14.34 -14.58 -1.98
O4 PO4 H . 13.14 -12.24 -2.29
P PO4 I . 9.61 -11.78 -2.89
O1 PO4 I . 10.62 -12.63 -2.13
O2 PO4 I . 8.35 -11.68 -1.90
O3 PO4 I . 9.31 -12.33 -4.26
O4 PO4 I . 10.25 -10.44 -3.24
P PO4 J . 13.65 -17.00 0.22
O1 PO4 J . 12.96 -15.77 0.75
O2 PO4 J . 13.96 -17.85 1.43
O3 PO4 J . 14.93 -16.67 -0.49
O4 PO4 J . 12.82 -17.76 -0.75
P PO4 K . 13.21 15.11 -10.38
O1 PO4 K . 14.51 15.72 -9.86
O2 PO4 K . 12.98 13.81 -9.63
O3 PO4 K . 11.94 15.96 -10.10
O4 PO4 K . 13.44 14.76 -11.85
C1 GOL L . 14.05 6.66 15.93
O1 GOL L . 13.94 7.56 14.84
C2 GOL L . 14.98 7.00 17.05
O2 GOL L . 14.76 6.20 18.18
C3 GOL L . 14.88 8.42 17.51
O3 GOL L . 15.41 9.13 16.45
#